data_6QGY
#
_entry.id   6QGY
#
_cell.length_a   99.709
_cell.length_b   86.664
_cell.length_c   125.027
_cell.angle_alpha   90.00
_cell.angle_beta   105.26
_cell.angle_gamma   90.00
#
_symmetry.space_group_name_H-M   'P 1 2 1'
#
loop_
_entity.id
_entity.type
_entity.pdbx_description
1 polymer 'Outer membrane protein assembly factor BamA'
2 polymer NanoB12
3 non-polymer (HYDROXYETHYLOXY)TRI(ETHYLOXY)OCTANE
4 water water
#
loop_
_entity_poly.entity_id
_entity_poly.type
_entity_poly.pdbx_seq_one_letter_code
_entity_poly.pdbx_strand_id
1 'polypeptide(L)'
;MGSSHHHHHHSSGENLYFQHMRNTGSFNFGIGYGTESGVSFQAGVQQDNWLGTGYAVGINGTKNDYQTYAELSVTNPYFT
VDGVSLGGRLFYNDFQADDADLSDYTNKSYGTDVTLGFPINEYNSLRAGLGYVHNSLSNMQPQVAMWRYLYSMGEHPSTS
DQDNSFKTDDFTFNYGWTYNKLDRGYFPTDGSRVNLTGKVTIPGSDNEYYKVTLDTATYVPIDDDHKWVVLGRTRWGYGD
GLGGKEMPFYENFYAGGSSTVRGFQSNTIGPKAVYFPHQASNYDPDYDYESATQDGAKDLSKSDDAVGGNAMAVASLEFI
TPTPFISDKYANSVRTSFFWDMGTVWDTNWDSSQYSGYPDYSDPSNIRMSAGIALQWMSPLGPLVFSYAQPFKKYDGDKA
EQFQFNIGKTW
;
A,C
2 'polypeptide(L)'
;SQGQLVESGGGMVQAGGSLRLSCAASGRTFNGWTAAWFRQAPGKDREFVAAISRSGDYTYYTNSVKGRFTISRDSAKNNL
YLQMDSLKPEDTAVYYCAAKTGTWATMDRRYDYWGQGTRVTVSA
;
B,D
#
# COMPACT_ATOMS: atom_id res chain seq x y z
N PHE A 27 -22.78 1.53 26.15
CA PHE A 27 -23.49 1.81 24.90
C PHE A 27 -22.44 2.19 23.86
N ASN A 28 -22.33 1.43 22.78
CA ASN A 28 -21.44 1.75 21.67
C ASN A 28 -22.22 1.72 20.37
N PHE A 29 -22.08 2.79 19.57
CA PHE A 29 -22.81 2.92 18.32
C PHE A 29 -21.81 3.13 17.18
N GLY A 30 -22.20 2.71 15.98
CA GLY A 30 -21.35 2.81 14.82
C GLY A 30 -22.11 2.97 13.52
N ILE A 31 -21.69 3.92 12.69
CA ILE A 31 -22.32 4.18 11.40
C ILE A 31 -21.24 4.17 10.33
N GLY A 32 -21.57 3.65 9.14
CA GLY A 32 -20.62 3.59 8.06
C GLY A 32 -21.31 3.60 6.71
N TYR A 33 -20.53 3.91 5.68
CA TYR A 33 -21.03 3.95 4.31
C TYR A 33 -19.97 3.39 3.38
N GLY A 34 -20.37 2.47 2.50
CA GLY A 34 -19.44 1.86 1.58
C GLY A 34 -20.15 1.34 0.34
N THR A 35 -19.34 1.07 -0.70
CA THR A 35 -19.90 0.54 -1.94
C THR A 35 -20.30 -0.92 -1.83
N GLU A 36 -19.84 -1.64 -0.80
CA GLU A 36 -20.21 -3.05 -0.68
C GLU A 36 -21.56 -3.22 0.01
N SER A 37 -21.82 -2.41 1.04
CA SER A 37 -23.01 -2.61 1.87
C SER A 37 -23.80 -1.33 2.10
N GLY A 38 -23.55 -0.28 1.33
CA GLY A 38 -24.33 0.95 1.48
C GLY A 38 -24.15 1.54 2.87
N VAL A 39 -25.26 1.92 3.48
CA VAL A 39 -25.24 2.52 4.81
C VAL A 39 -25.26 1.39 5.84
N SER A 40 -24.33 1.44 6.79
CA SER A 40 -24.19 0.44 7.83
C SER A 40 -24.40 1.06 9.19
N PHE A 41 -25.24 0.42 10.01
CA PHE A 41 -25.52 0.86 11.37
C PHE A 41 -25.16 -0.28 12.33
N GLN A 42 -24.56 0.07 13.47
CA GLN A 42 -24.20 -0.92 14.47
C GLN A 42 -24.50 -0.35 15.85
N ALA A 43 -25.06 -1.20 16.72
CA ALA A 43 -25.40 -0.80 18.07
C ALA A 43 -25.13 -1.98 19.00
N GLY A 44 -24.54 -1.68 20.16
CA GLY A 44 -24.18 -2.72 21.10
C GLY A 44 -24.18 -2.23 22.52
N VAL A 45 -24.48 -3.14 23.44
CA VAL A 45 -24.40 -2.89 24.88
C VAL A 45 -23.84 -4.15 25.52
N GLN A 46 -22.85 -3.99 26.40
CA GLN A 46 -22.23 -5.12 27.08
C GLN A 46 -22.27 -4.85 28.57
N GLN A 47 -22.71 -5.84 29.34
CA GLN A 47 -22.77 -5.76 30.80
C GLN A 47 -21.97 -6.91 31.36
N ASP A 48 -20.84 -6.60 32.00
CA ASP A 48 -19.92 -7.65 32.46
C ASP A 48 -20.58 -8.53 33.51
N ASN A 49 -21.25 -7.93 34.49
CA ASN A 49 -21.98 -8.68 35.50
C ASN A 49 -23.45 -8.31 35.43
N TRP A 50 -24.29 -9.27 35.10
CA TRP A 50 -25.72 -9.05 34.90
C TRP A 50 -26.46 -9.46 36.16
N LEU A 51 -26.90 -8.46 36.93
CA LEU A 51 -27.66 -8.68 38.16
C LEU A 51 -26.89 -9.56 39.14
N GLY A 52 -25.58 -9.32 39.24
CA GLY A 52 -24.75 -10.01 40.19
C GLY A 52 -24.67 -11.51 39.97
N THR A 53 -25.10 -11.98 38.80
CA THR A 53 -25.06 -13.39 38.48
C THR A 53 -23.67 -13.87 38.09
N GLY A 54 -22.75 -12.96 37.75
CA GLY A 54 -21.46 -13.33 37.22
C GLY A 54 -21.42 -13.55 35.73
N TYR A 55 -22.57 -13.60 35.07
CA TYR A 55 -22.63 -13.73 33.62
C TYR A 55 -22.44 -12.37 32.96
N ALA A 56 -21.68 -12.36 31.86
CA ALA A 56 -21.50 -11.17 31.05
C ALA A 56 -22.47 -11.24 29.86
N VAL A 57 -23.38 -10.29 29.79
CA VAL A 57 -24.44 -10.28 28.78
C VAL A 57 -24.18 -9.13 27.82
N GLY A 58 -24.42 -9.37 26.54
CA GLY A 58 -24.26 -8.34 25.54
C GLY A 58 -25.29 -8.46 24.44
N ILE A 59 -25.83 -7.32 24.01
CA ILE A 59 -26.77 -7.26 22.90
C ILE A 59 -26.12 -6.46 21.79
N ASN A 60 -26.18 -6.97 20.57
CA ASN A 60 -25.57 -6.30 19.43
C ASN A 60 -26.52 -6.35 18.23
N GLY A 61 -26.43 -5.31 17.39
CA GLY A 61 -27.26 -5.21 16.22
C GLY A 61 -26.55 -4.61 15.02
N THR A 62 -26.88 -5.09 13.82
CA THR A 62 -26.26 -4.60 12.59
C THR A 62 -27.32 -4.51 11.50
N LYS A 63 -27.23 -3.48 10.67
CA LYS A 63 -28.19 -3.25 9.60
C LYS A 63 -27.43 -2.80 8.35
N ASN A 64 -27.75 -3.42 7.23
CA ASN A 64 -27.07 -3.18 5.96
C ASN A 64 -28.11 -2.80 4.92
N ASP A 65 -27.63 -2.55 3.69
CA ASP A 65 -28.52 -2.55 2.54
C ASP A 65 -29.22 -3.90 2.38
N TYR A 66 -28.55 -5.01 2.76
CA TYR A 66 -29.07 -6.33 2.49
C TYR A 66 -29.22 -7.23 3.72
N GLN A 67 -28.74 -6.83 4.89
CA GLN A 67 -28.76 -7.72 6.04
C GLN A 67 -29.11 -7.01 7.33
N THR A 68 -29.92 -7.67 8.15
CA THR A 68 -30.24 -7.21 9.51
C THR A 68 -29.92 -8.33 10.49
N TYR A 69 -29.04 -8.06 11.45
CA TYR A 69 -28.53 -9.08 12.35
C TYR A 69 -28.62 -8.59 13.78
N ALA A 70 -29.01 -9.50 14.68
CA ALA A 70 -29.11 -9.21 16.11
C ALA A 70 -28.69 -10.45 16.89
N GLU A 71 -27.86 -10.27 17.91
CA GLU A 71 -27.39 -11.38 18.72
C GLU A 71 -27.50 -11.03 20.20
N LEU A 72 -27.56 -12.08 21.01
CA LEU A 72 -27.46 -12.00 22.47
C LEU A 72 -26.25 -12.82 22.89
N SER A 73 -25.28 -12.18 23.53
CA SER A 73 -24.04 -12.84 23.92
C SER A 73 -24.05 -13.17 25.40
N VAL A 74 -23.46 -14.30 25.74
CA VAL A 74 -23.35 -14.76 27.12
C VAL A 74 -21.95 -15.33 27.34
N THR A 75 -21.30 -14.91 28.42
CA THR A 75 -20.02 -15.47 28.82
C THR A 75 -19.98 -15.51 30.34
N ASN A 76 -18.96 -16.16 30.89
CA ASN A 76 -18.81 -16.27 32.33
C ASN A 76 -17.37 -16.62 32.67
N PRO A 77 -16.58 -15.66 33.16
CA PRO A 77 -15.16 -15.97 33.43
C PRO A 77 -14.97 -16.93 34.59
N TYR A 78 -15.98 -17.11 35.45
CA TYR A 78 -15.89 -18.06 36.54
C TYR A 78 -16.11 -19.49 36.07
N PHE A 79 -16.52 -19.69 34.82
CA PHE A 79 -16.60 -21.02 34.23
C PHE A 79 -15.30 -21.44 33.56
N THR A 80 -14.38 -20.51 33.31
CA THR A 80 -13.16 -20.82 32.61
C THR A 80 -12.31 -21.79 33.43
N VAL A 81 -11.80 -22.84 32.78
CA VAL A 81 -11.03 -23.87 33.44
C VAL A 81 -9.74 -24.09 32.66
N ASP A 82 -8.61 -23.80 33.29
CA ASP A 82 -7.30 -23.93 32.66
C ASP A 82 -7.26 -23.18 31.33
N GLY A 83 -7.78 -21.96 31.34
CA GLY A 83 -7.79 -21.12 30.17
C GLY A 83 -8.81 -21.47 29.11
N VAL A 84 -9.62 -22.49 29.33
CA VAL A 84 -10.66 -22.89 28.39
C VAL A 84 -11.97 -22.24 28.83
N SER A 85 -12.55 -21.45 27.94
CA SER A 85 -13.72 -20.64 28.27
C SER A 85 -14.95 -21.15 27.52
N LEU A 86 -16.12 -20.76 28.01
CA LEU A 86 -17.40 -21.15 27.43
C LEU A 86 -18.19 -19.89 27.12
N GLY A 87 -18.79 -19.85 25.94
CA GLY A 87 -19.57 -18.70 25.52
C GLY A 87 -20.84 -19.15 24.83
N GLY A 88 -21.87 -18.32 24.95
CA GLY A 88 -23.14 -18.60 24.30
C GLY A 88 -23.54 -17.50 23.33
N ARG A 89 -24.45 -17.82 22.41
CA ARG A 89 -24.89 -16.85 21.41
C ARG A 89 -26.30 -17.23 20.96
N LEU A 90 -27.17 -16.22 20.88
CA LEU A 90 -28.52 -16.35 20.37
C LEU A 90 -28.74 -15.23 19.37
N PHE A 91 -29.12 -15.56 18.14
CA PHE A 91 -29.10 -14.58 17.06
C PHE A 91 -30.34 -14.65 16.20
N TYR A 92 -30.55 -13.56 15.46
CA TYR A 92 -31.54 -13.45 14.40
C TYR A 92 -30.90 -12.78 13.19
N ASN A 93 -31.24 -13.27 12.00
CA ASN A 93 -30.65 -12.73 10.78
C ASN A 93 -31.68 -12.64 9.68
N ASP A 94 -31.72 -11.49 9.01
CA ASP A 94 -32.60 -11.25 7.87
C ASP A 94 -31.72 -10.90 6.68
N PHE A 95 -31.73 -11.75 5.65
CA PHE A 95 -30.86 -11.60 4.49
C PHE A 95 -31.71 -11.42 3.24
N GLN A 96 -31.42 -10.34 2.49
CA GLN A 96 -32.10 -10.05 1.23
C GLN A 96 -31.06 -10.20 0.13
N ALA A 97 -31.09 -11.35 -0.56
CA ALA A 97 -30.04 -11.65 -1.53
C ALA A 97 -30.02 -10.67 -2.69
N ASP A 98 -31.18 -10.15 -3.08
CA ASP A 98 -31.24 -9.22 -4.21
C ASP A 98 -30.39 -7.98 -3.95
N ASP A 99 -30.36 -7.51 -2.70
CA ASP A 99 -29.57 -6.33 -2.34
C ASP A 99 -28.11 -6.64 -2.13
N ALA A 100 -27.70 -7.90 -2.30
CA ALA A 100 -26.30 -8.28 -2.31
C ALA A 100 -25.81 -8.60 -3.73
N ASP A 101 -26.57 -8.21 -4.75
CA ASP A 101 -26.20 -8.46 -6.14
C ASP A 101 -26.19 -9.97 -6.44
N LEU A 102 -27.13 -10.68 -5.85
CA LEU A 102 -27.33 -12.10 -6.11
C LEU A 102 -28.73 -12.32 -6.66
N SER A 103 -28.96 -13.50 -7.23
CA SER A 103 -30.30 -13.91 -7.59
C SER A 103 -31.22 -13.75 -6.38
N ASP A 104 -32.39 -13.18 -6.61
CA ASP A 104 -33.24 -12.76 -5.50
C ASP A 104 -33.69 -13.94 -4.66
N TYR A 105 -33.58 -13.79 -3.34
CA TYR A 105 -34.23 -14.69 -2.39
C TYR A 105 -34.10 -14.06 -1.02
N THR A 106 -34.92 -14.53 -0.09
CA THR A 106 -34.92 -14.05 1.28
C THR A 106 -34.62 -15.21 2.22
N ASN A 107 -33.80 -14.95 3.23
CA ASN A 107 -33.44 -15.98 4.20
C ASN A 107 -33.51 -15.34 5.59
N LYS A 108 -34.58 -15.65 6.32
CA LYS A 108 -34.75 -15.23 7.71
C LYS A 108 -34.40 -16.41 8.59
N SER A 109 -33.36 -16.25 9.42
CA SER A 109 -32.82 -17.35 10.19
C SER A 109 -32.61 -16.92 11.63
N TYR A 110 -32.55 -17.92 12.51
CA TYR A 110 -32.28 -17.71 13.92
C TYR A 110 -31.70 -19.02 14.47
N GLY A 111 -30.91 -18.90 15.53
CA GLY A 111 -30.28 -20.08 16.09
C GLY A 111 -29.50 -19.75 17.34
N THR A 112 -28.70 -20.73 17.77
CA THR A 112 -27.90 -20.63 18.98
C THR A 112 -26.54 -21.26 18.75
N ASP A 113 -25.56 -20.80 19.51
CA ASP A 113 -24.21 -21.35 19.45
C ASP A 113 -23.63 -21.43 20.85
N VAL A 114 -23.04 -22.57 21.17
CA VAL A 114 -22.24 -22.75 22.38
C VAL A 114 -20.83 -23.10 21.93
N THR A 115 -19.85 -22.32 22.39
CA THR A 115 -18.50 -22.43 21.88
C THR A 115 -17.52 -22.53 23.03
N LEU A 116 -16.47 -23.30 22.80
CA LEU A 116 -15.37 -23.46 23.75
C LEU A 116 -14.12 -22.85 23.13
N GLY A 117 -13.34 -22.15 23.94
CA GLY A 117 -12.12 -21.54 23.46
C GLY A 117 -10.88 -22.08 24.13
N PHE A 118 -10.00 -22.69 23.33
CA PHE A 118 -8.75 -23.24 23.82
C PHE A 118 -7.60 -22.34 23.43
N PRO A 119 -6.85 -21.77 24.36
CA PRO A 119 -5.64 -21.00 23.97
C PRO A 119 -4.41 -21.88 23.92
N ILE A 120 -3.93 -22.17 22.72
CA ILE A 120 -2.79 -23.08 22.57
C ILE A 120 -1.50 -22.39 23.02
N ASN A 121 -1.29 -21.15 22.61
CA ASN A 121 -0.12 -20.39 23.04
C ASN A 121 -0.42 -18.91 22.85
N GLU A 122 0.63 -18.09 22.97
CA GLU A 122 0.46 -16.64 22.88
C GLU A 122 -0.05 -16.19 21.52
N TYR A 123 0.08 -17.02 20.49
CA TYR A 123 -0.29 -16.63 19.14
C TYR A 123 -1.34 -17.52 18.50
N ASN A 124 -1.73 -18.61 19.15
CA ASN A 124 -2.66 -19.58 18.57
C ASN A 124 -3.78 -19.91 19.55
N SER A 125 -5.00 -19.96 19.03
CA SER A 125 -6.16 -20.36 19.81
C SER A 125 -7.00 -21.30 18.95
N LEU A 126 -7.78 -22.14 19.64
CA LEU A 126 -8.71 -23.05 19.00
C LEU A 126 -10.10 -22.80 19.55
N ARG A 127 -11.10 -23.30 18.84
CA ARG A 127 -12.47 -23.21 19.32
C ARG A 127 -13.27 -24.36 18.73
N ALA A 128 -14.28 -24.78 19.48
CA ALA A 128 -15.17 -25.85 19.07
C ALA A 128 -16.51 -25.62 19.75
N GLY A 129 -17.58 -25.78 18.98
CA GLY A 129 -18.91 -25.50 19.52
C GLY A 129 -19.98 -26.27 18.77
N LEU A 130 -21.19 -26.18 19.30
CA LEU A 130 -22.38 -26.76 18.69
C LEU A 130 -23.33 -25.63 18.32
N GLY A 131 -23.94 -25.74 17.14
CA GLY A 131 -24.86 -24.72 16.69
C GLY A 131 -26.18 -25.33 16.23
N TYR A 132 -27.26 -24.60 16.49
CA TYR A 132 -28.56 -24.86 15.88
C TYR A 132 -28.94 -23.65 15.03
N VAL A 133 -29.58 -23.90 13.89
CA VAL A 133 -30.01 -22.81 13.02
C VAL A 133 -31.30 -23.23 12.32
N HIS A 134 -32.28 -22.34 12.33
CA HIS A 134 -33.49 -22.50 11.55
C HIS A 134 -33.41 -21.52 10.38
N ASN A 135 -33.43 -22.04 9.16
CA ASN A 135 -33.41 -21.23 7.96
C ASN A 135 -34.79 -21.25 7.32
N SER A 136 -35.36 -20.07 7.11
CA SER A 136 -36.66 -19.92 6.47
C SER A 136 -36.46 -19.15 5.17
N LEU A 137 -36.55 -19.85 4.05
CA LEU A 137 -36.33 -19.26 2.73
C LEU A 137 -37.65 -18.84 2.10
N SER A 138 -37.61 -17.74 1.36
CA SER A 138 -38.80 -17.26 0.64
C SER A 138 -38.34 -16.37 -0.51
N ASN A 139 -39.27 -16.06 -1.39
CA ASN A 139 -39.04 -15.14 -2.51
C ASN A 139 -37.92 -15.63 -3.41
N MET A 140 -37.74 -16.94 -3.51
CA MET A 140 -36.69 -17.50 -4.34
C MET A 140 -37.07 -17.34 -5.82
N GLN A 141 -36.26 -16.61 -6.57
CA GLN A 141 -36.47 -16.43 -8.01
C GLN A 141 -35.96 -17.67 -8.74
N PRO A 142 -36.84 -18.47 -9.34
CA PRO A 142 -36.40 -19.76 -9.88
C PRO A 142 -35.20 -19.70 -10.79
N GLN A 143 -34.17 -20.46 -10.45
CA GLN A 143 -32.98 -20.62 -11.28
C GLN A 143 -32.52 -22.07 -11.18
N VAL A 144 -31.67 -22.47 -12.13
CA VAL A 144 -31.30 -23.88 -12.26
C VAL A 144 -30.54 -24.36 -11.02
N ALA A 145 -29.43 -23.68 -10.70
CA ALA A 145 -28.59 -24.14 -9.60
C ALA A 145 -29.35 -24.15 -8.28
N MET A 146 -30.16 -23.13 -8.03
CA MET A 146 -30.96 -23.10 -6.81
C MET A 146 -31.92 -24.27 -6.77
N TRP A 147 -32.61 -24.52 -7.88
CA TRP A 147 -33.57 -25.63 -7.93
C TRP A 147 -32.89 -26.98 -7.90
N ARG A 148 -31.62 -27.06 -8.30
CA ARG A 148 -30.89 -28.31 -8.20
C ARG A 148 -30.73 -28.72 -6.73
N TYR A 149 -30.32 -27.78 -5.87
CA TYR A 149 -30.23 -28.07 -4.45
C TYR A 149 -31.60 -28.42 -3.88
N LEU A 150 -32.64 -27.68 -4.29
CA LEU A 150 -33.97 -27.93 -3.76
C LEU A 150 -34.45 -29.34 -4.13
N TYR A 151 -34.16 -29.77 -5.36
CA TYR A 151 -34.57 -31.11 -5.78
C TYR A 151 -33.90 -32.18 -4.92
N SER A 152 -32.61 -32.00 -4.62
CA SER A 152 -31.87 -32.95 -3.79
C SER A 152 -32.40 -33.02 -2.37
N MET A 153 -33.28 -32.09 -1.96
CA MET A 153 -33.87 -32.10 -0.64
C MET A 153 -35.31 -32.60 -0.65
N GLY A 154 -35.78 -33.08 -1.82
CA GLY A 154 -37.15 -33.52 -1.94
C GLY A 154 -38.16 -32.42 -2.19
N GLU A 155 -37.71 -31.19 -2.41
CA GLU A 155 -38.61 -30.07 -2.65
C GLU A 155 -38.84 -29.91 -4.15
N HIS A 156 -40.10 -29.63 -4.51
CA HIS A 156 -40.50 -29.52 -5.91
C HIS A 156 -41.37 -28.28 -6.12
N PRO A 157 -40.86 -27.10 -5.78
CA PRO A 157 -41.66 -25.89 -5.96
C PRO A 157 -41.72 -25.48 -7.43
N SER A 158 -42.80 -24.79 -7.77
CA SER A 158 -43.01 -24.37 -9.16
C SER A 158 -41.84 -23.54 -9.67
N THR A 159 -41.49 -23.74 -10.93
CA THR A 159 -40.43 -22.99 -11.57
C THR A 159 -40.92 -21.70 -12.20
N SER A 160 -42.22 -21.43 -12.17
CA SER A 160 -42.80 -20.28 -12.87
C SER A 160 -43.25 -19.18 -11.93
N ASP A 161 -42.84 -19.21 -10.66
CA ASP A 161 -43.35 -18.27 -9.69
C ASP A 161 -42.30 -18.05 -8.61
N GLN A 162 -42.25 -16.83 -8.09
CA GLN A 162 -41.33 -16.48 -7.02
C GLN A 162 -41.95 -16.63 -5.63
N ASP A 163 -43.23 -16.95 -5.54
CA ASP A 163 -43.90 -17.13 -4.26
C ASP A 163 -43.69 -18.56 -3.82
N ASN A 164 -42.77 -18.77 -2.87
CA ASN A 164 -42.38 -20.11 -2.46
C ASN A 164 -41.79 -20.02 -1.06
N SER A 165 -41.48 -21.18 -0.49
CA SER A 165 -41.02 -21.26 0.88
C SER A 165 -40.30 -22.58 1.11
N PHE A 166 -39.23 -22.54 1.90
CA PHE A 166 -38.50 -23.74 2.28
C PHE A 166 -37.87 -23.49 3.65
N LYS A 167 -38.29 -24.26 4.64
CA LYS A 167 -37.81 -24.15 6.02
C LYS A 167 -37.06 -25.41 6.40
N THR A 168 -35.95 -25.21 7.12
CA THR A 168 -35.12 -26.33 7.54
C THR A 168 -34.59 -26.07 8.95
N ASP A 169 -34.21 -27.16 9.62
CA ASP A 169 -33.65 -27.12 10.96
C ASP A 169 -32.39 -27.98 10.97
N ASP A 170 -31.26 -27.38 11.33
CA ASP A 170 -29.98 -28.07 11.27
C ASP A 170 -29.23 -27.92 12.59
N PHE A 171 -28.44 -28.94 12.91
CA PHE A 171 -27.50 -28.91 14.02
C PHE A 171 -26.11 -29.12 13.46
N THR A 172 -25.14 -28.36 13.96
CA THR A 172 -23.80 -28.37 13.39
C THR A 172 -22.76 -28.51 14.48
N PHE A 173 -21.60 -29.01 14.08
CA PHE A 173 -20.38 -28.99 14.87
C PHE A 173 -19.44 -27.98 14.23
N ASN A 174 -18.96 -27.03 15.02
CA ASN A 174 -18.17 -25.93 14.51
C ASN A 174 -16.77 -25.98 15.09
N TYR A 175 -15.78 -25.77 14.23
CA TYR A 175 -14.38 -25.80 14.63
C TYR A 175 -13.67 -24.59 14.04
N GLY A 176 -12.65 -24.12 14.76
CA GLY A 176 -11.90 -22.96 14.32
C GLY A 176 -10.49 -22.97 14.86
N TRP A 177 -9.58 -22.38 14.10
CA TRP A 177 -8.20 -22.16 14.51
C TRP A 177 -7.77 -20.80 14.04
N THR A 178 -7.14 -20.03 14.93
CA THR A 178 -6.65 -18.70 14.59
C THR A 178 -5.19 -18.59 15.01
N TYR A 179 -4.32 -18.31 14.05
CA TYR A 179 -2.93 -17.92 14.30
C TYR A 179 -2.83 -16.43 14.02
N ASN A 180 -2.35 -15.66 15.00
CA ASN A 180 -2.22 -14.22 14.84
C ASN A 180 -0.89 -13.79 15.46
N LYS A 181 0.06 -13.39 14.61
CA LYS A 181 1.35 -12.91 15.05
C LYS A 181 1.67 -11.58 14.36
N LEU A 182 0.63 -10.83 14.01
CA LEU A 182 0.83 -9.51 13.42
C LEU A 182 1.37 -8.56 14.47
N ASP A 183 2.33 -7.73 14.08
CA ASP A 183 2.99 -6.85 15.03
C ASP A 183 2.09 -5.71 15.47
N ARG A 184 1.10 -5.34 14.67
CA ARG A 184 0.24 -4.23 15.02
C ARG A 184 -1.15 -4.46 14.47
N GLY A 185 -2.14 -3.94 15.19
CA GLY A 185 -3.52 -4.18 14.82
C GLY A 185 -3.95 -3.41 13.58
N TYR A 186 -3.65 -2.11 13.56
CA TYR A 186 -4.28 -1.22 12.59
C TYR A 186 -3.58 -1.27 11.24
N PHE A 187 -2.31 -0.90 11.18
CA PHE A 187 -1.51 -0.98 9.97
C PHE A 187 -0.40 -2.01 10.16
N PRO A 188 -0.66 -3.30 10.01
CA PRO A 188 0.41 -4.28 10.27
C PRO A 188 1.58 -4.08 9.32
N THR A 189 2.76 -4.43 9.80
CA THR A 189 3.98 -4.37 9.00
C THR A 189 4.80 -5.66 9.05
N ASP A 190 4.46 -6.61 9.92
CA ASP A 190 5.22 -7.84 10.04
C ASP A 190 4.33 -8.91 10.65
N GLY A 191 4.61 -10.16 10.30
CA GLY A 191 3.89 -11.29 10.85
C GLY A 191 2.78 -11.73 9.94
N SER A 192 2.04 -12.73 10.40
CA SER A 192 0.95 -13.33 9.64
C SER A 192 -0.26 -13.55 10.51
N ARG A 193 -1.41 -13.68 9.87
CA ARG A 193 -2.65 -14.07 10.52
C ARG A 193 -3.30 -15.16 9.68
N VAL A 194 -3.65 -16.26 10.32
CA VAL A 194 -4.33 -17.37 9.66
C VAL A 194 -5.59 -17.70 10.44
N ASN A 195 -6.69 -17.90 9.73
CA ASN A 195 -7.97 -18.25 10.35
C ASN A 195 -8.57 -19.39 9.55
N LEU A 196 -8.77 -20.53 10.20
CA LEU A 196 -9.36 -21.70 9.57
C LEU A 196 -10.63 -22.05 10.32
N THR A 197 -11.73 -22.18 9.59
CA THR A 197 -13.01 -22.54 10.18
C THR A 197 -13.61 -23.71 9.40
N GLY A 198 -14.41 -24.50 10.10
CA GLY A 198 -15.08 -25.63 9.48
C GLY A 198 -16.32 -26.01 10.26
N LYS A 199 -17.39 -26.38 9.55
CA LYS A 199 -18.58 -26.90 10.19
C LYS A 199 -19.11 -28.07 9.37
N VAL A 200 -19.88 -28.93 10.05
CA VAL A 200 -20.50 -30.08 9.40
C VAL A 200 -21.84 -30.30 10.08
N THR A 201 -22.82 -30.75 9.30
CA THR A 201 -24.13 -31.06 9.87
C THR A 201 -24.07 -32.34 10.70
N ILE A 202 -24.87 -32.37 11.76
CA ILE A 202 -24.93 -33.52 12.65
C ILE A 202 -26.10 -34.39 12.20
N PRO A 203 -25.94 -35.73 12.16
CA PRO A 203 -27.10 -36.60 11.85
C PRO A 203 -28.36 -36.17 12.59
N GLY A 204 -29.46 -36.09 11.87
CA GLY A 204 -30.70 -35.53 12.38
C GLY A 204 -31.06 -34.19 11.76
N SER A 205 -30.09 -33.50 11.17
CA SER A 205 -30.35 -32.23 10.52
C SER A 205 -31.08 -32.46 9.20
N ASP A 206 -31.81 -31.42 8.77
CA ASP A 206 -32.46 -31.47 7.46
C ASP A 206 -31.41 -31.49 6.35
N ASN A 207 -30.41 -30.62 6.45
CA ASN A 207 -29.32 -30.59 5.49
C ASN A 207 -28.23 -31.56 5.89
N GLU A 208 -27.37 -31.88 4.92
CA GLU A 208 -26.27 -32.82 5.12
C GLU A 208 -25.10 -32.29 4.29
N TYR A 209 -24.18 -31.59 4.93
CA TYR A 209 -23.08 -30.97 4.20
C TYR A 209 -21.99 -30.58 5.20
N TYR A 210 -20.82 -30.28 4.64
CA TYR A 210 -19.72 -29.68 5.38
C TYR A 210 -19.27 -28.42 4.64
N LYS A 211 -18.42 -27.63 5.28
CA LYS A 211 -17.99 -26.35 4.72
C LYS A 211 -16.71 -25.94 5.41
N VAL A 212 -15.71 -25.54 4.63
CA VAL A 212 -14.41 -25.16 5.15
C VAL A 212 -14.03 -23.80 4.56
N THR A 213 -13.42 -22.96 5.39
CA THR A 213 -12.95 -21.64 4.96
C THR A 213 -11.55 -21.42 5.50
N LEU A 214 -10.72 -20.73 4.72
CA LEU A 214 -9.35 -20.44 5.12
C LEU A 214 -8.98 -19.03 4.69
N ASP A 215 -8.45 -18.24 5.61
CA ASP A 215 -8.01 -16.88 5.35
C ASP A 215 -6.59 -16.73 5.86
N THR A 216 -5.74 -16.08 5.06
CA THR A 216 -4.35 -15.83 5.45
C THR A 216 -3.93 -14.44 5.02
N ALA A 217 -3.17 -13.77 5.88
CA ALA A 217 -2.54 -12.50 5.58
C ALA A 217 -1.11 -12.56 6.07
N THR A 218 -0.18 -12.09 5.24
CA THR A 218 1.24 -12.17 5.57
C THR A 218 1.92 -10.86 5.19
N TYR A 219 2.55 -10.21 6.16
CA TYR A 219 3.27 -8.96 5.95
C TYR A 219 4.76 -9.23 6.07
N VAL A 220 5.52 -8.76 5.08
CA VAL A 220 6.98 -8.91 5.11
C VAL A 220 7.63 -7.54 4.89
N PRO A 221 8.24 -6.94 5.91
CA PRO A 221 8.93 -5.67 5.71
C PRO A 221 10.30 -5.86 5.07
N ILE A 222 10.63 -5.00 4.11
CA ILE A 222 11.90 -5.12 3.40
C ILE A 222 12.95 -4.18 3.99
N ASP A 223 12.51 -3.06 4.55
CA ASP A 223 13.42 -2.09 5.13
C ASP A 223 13.30 -2.05 6.64
N ASP A 224 14.33 -1.47 7.27
CA ASP A 224 14.39 -1.42 8.73
C ASP A 224 13.26 -0.59 9.30
N ASP A 225 12.87 0.48 8.61
CA ASP A 225 11.79 1.35 9.09
C ASP A 225 10.41 0.78 8.78
N HIS A 226 10.34 -0.34 8.07
CA HIS A 226 9.07 -0.97 7.70
C HIS A 226 8.18 -0.05 6.89
N LYS A 227 8.74 0.95 6.21
CA LYS A 227 7.93 1.79 5.34
C LYS A 227 7.52 1.04 4.07
N TRP A 228 8.31 0.05 3.66
CA TRP A 228 8.03 -0.72 2.45
C TRP A 228 7.72 -2.14 2.90
N VAL A 229 6.52 -2.61 2.59
CA VAL A 229 6.05 -3.89 3.11
C VAL A 229 5.35 -4.62 1.97
N VAL A 230 5.65 -5.90 1.82
CA VAL A 230 4.95 -6.77 0.88
C VAL A 230 3.88 -7.51 1.66
N LEU A 231 2.68 -7.60 1.10
CA LEU A 231 1.54 -8.22 1.76
C LEU A 231 0.94 -9.26 0.82
N GLY A 232 0.81 -10.49 1.32
CA GLY A 232 0.14 -11.54 0.58
C GLY A 232 -1.11 -12.03 1.28
N ARG A 233 -2.24 -11.94 0.59
CA ARG A 233 -3.52 -12.38 1.11
C ARG A 233 -4.02 -13.56 0.30
N THR A 234 -4.60 -14.55 0.98
CA THR A 234 -5.32 -15.62 0.30
C THR A 234 -6.61 -15.91 1.06
N ARG A 235 -7.56 -16.52 0.36
CA ARG A 235 -8.86 -16.84 0.91
C ARG A 235 -9.36 -18.05 0.15
N TRP A 236 -9.82 -19.07 0.88
CA TRP A 236 -10.26 -20.31 0.27
C TRP A 236 -11.56 -20.78 0.91
N GLY A 237 -12.36 -21.49 0.12
CA GLY A 237 -13.60 -22.07 0.62
C GLY A 237 -14.00 -23.29 -0.18
N TYR A 238 -14.41 -24.35 0.52
CA TYR A 238 -14.91 -25.54 -0.16
C TYR A 238 -15.97 -26.19 0.71
N GLY A 239 -17.06 -26.61 0.06
CA GLY A 239 -18.13 -27.31 0.75
C GLY A 239 -18.90 -28.17 -0.23
N ASP A 240 -19.60 -29.16 0.31
CA ASP A 240 -20.40 -30.05 -0.53
C ASP A 240 -21.36 -30.81 0.36
N GLY A 241 -22.40 -31.36 -0.26
CA GLY A 241 -23.37 -32.14 0.46
C GLY A 241 -22.85 -33.51 0.84
N LEU A 242 -23.66 -34.20 1.64
CA LEU A 242 -23.32 -35.54 2.13
C LEU A 242 -24.45 -36.50 1.83
N GLY A 243 -24.09 -37.74 1.51
CA GLY A 243 -25.05 -38.76 1.17
C GLY A 243 -26.11 -38.35 0.18
N GLY A 244 -25.69 -37.86 -0.99
CA GLY A 244 -26.61 -37.48 -2.04
C GLY A 244 -27.15 -36.06 -1.96
N LYS A 245 -27.02 -35.40 -0.82
CA LYS A 245 -27.48 -34.02 -0.71
C LYS A 245 -26.48 -33.06 -1.37
N GLU A 246 -26.89 -31.80 -1.47
CA GLU A 246 -26.03 -30.71 -1.87
C GLU A 246 -25.93 -29.69 -0.75
N MET A 247 -24.84 -28.94 -0.73
CA MET A 247 -24.73 -27.84 0.22
C MET A 247 -25.75 -26.76 -0.14
N PRO A 248 -26.48 -26.23 0.83
CA PRO A 248 -27.48 -25.19 0.50
C PRO A 248 -26.82 -23.97 -0.11
N PHE A 249 -27.52 -23.35 -1.07
CA PHE A 249 -26.96 -22.21 -1.79
C PHE A 249 -26.71 -21.02 -0.89
N TYR A 250 -27.50 -20.87 0.19
CA TYR A 250 -27.27 -19.76 1.11
C TYR A 250 -25.99 -19.91 1.92
N GLU A 251 -25.29 -21.03 1.80
CA GLU A 251 -23.96 -21.19 2.39
C GLU A 251 -22.86 -21.00 1.35
N ASN A 252 -23.19 -20.48 0.17
CA ASN A 252 -22.22 -20.37 -0.90
C ASN A 252 -21.12 -19.37 -0.55
N PHE A 253 -20.00 -19.52 -1.24
CA PHE A 253 -18.91 -18.55 -1.20
C PHE A 253 -19.07 -17.54 -2.33
N TYR A 254 -18.52 -16.35 -2.13
CA TYR A 254 -18.59 -15.29 -3.12
C TYR A 254 -17.22 -14.67 -3.28
N ALA A 255 -17.03 -13.94 -4.38
CA ALA A 255 -15.79 -13.24 -4.65
C ALA A 255 -16.10 -12.02 -5.49
N GLY A 256 -15.24 -11.00 -5.38
CA GLY A 256 -15.47 -9.74 -6.05
C GLY A 256 -15.94 -8.69 -5.07
N GLY A 257 -15.19 -7.60 -4.96
CA GLY A 257 -15.57 -6.52 -4.06
C GLY A 257 -14.39 -5.86 -3.38
N SER A 258 -14.68 -4.92 -2.49
CA SER A 258 -13.61 -4.18 -1.81
C SER A 258 -12.73 -5.10 -0.98
N SER A 259 -13.30 -6.15 -0.41
CA SER A 259 -12.57 -7.00 0.53
C SER A 259 -12.04 -8.28 -0.10
N THR A 260 -12.35 -8.56 -1.37
CA THR A 260 -11.89 -9.78 -2.01
C THR A 260 -11.09 -9.47 -3.26
N VAL A 261 -11.77 -9.22 -4.37
CA VAL A 261 -11.13 -8.87 -5.63
C VAL A 261 -11.59 -7.45 -6.00
N ARG A 262 -10.69 -6.49 -5.83
CA ARG A 262 -11.05 -5.10 -6.09
C ARG A 262 -11.18 -4.84 -7.58
N GLY A 263 -11.97 -3.82 -7.93
CA GLY A 263 -12.31 -3.54 -9.30
C GLY A 263 -13.55 -4.26 -9.82
N PHE A 264 -14.04 -5.26 -9.08
CA PHE A 264 -15.25 -5.99 -9.46
C PHE A 264 -16.39 -5.65 -8.52
N GLN A 265 -17.61 -5.61 -9.06
CA GLN A 265 -18.78 -5.37 -8.22
C GLN A 265 -18.93 -6.52 -7.21
N SER A 266 -19.44 -6.18 -6.03
CA SER A 266 -19.56 -7.14 -4.94
C SER A 266 -20.24 -8.42 -5.40
N ASN A 267 -19.56 -9.54 -5.17
CA ASN A 267 -20.09 -10.89 -5.35
C ASN A 267 -20.31 -11.28 -6.80
N THR A 268 -19.80 -10.50 -7.76
CA THR A 268 -20.11 -10.76 -9.16
C THR A 268 -19.36 -11.97 -9.71
N ILE A 269 -18.24 -12.35 -9.09
CA ILE A 269 -17.39 -13.39 -9.66
C ILE A 269 -18.02 -14.75 -9.48
N GLY A 270 -18.05 -15.54 -10.56
CA GLY A 270 -18.42 -16.94 -10.47
C GLY A 270 -19.64 -17.29 -11.27
N PRO A 271 -20.34 -18.35 -10.87
CA PRO A 271 -21.54 -18.77 -11.60
C PRO A 271 -22.55 -17.64 -11.68
N LYS A 272 -23.29 -17.64 -12.80
CA LYS A 272 -24.40 -16.73 -13.01
C LYS A 272 -25.71 -17.53 -13.05
N ALA A 273 -26.80 -16.87 -12.68
CA ALA A 273 -28.09 -17.55 -12.61
C ALA A 273 -28.59 -17.91 -14.00
N VAL A 274 -29.23 -19.07 -14.11
CA VAL A 274 -29.96 -19.47 -15.30
C VAL A 274 -31.42 -19.58 -14.89
N TYR A 275 -32.22 -18.59 -15.31
CA TYR A 275 -33.59 -18.44 -14.81
C TYR A 275 -34.58 -19.25 -15.63
N PHE A 276 -35.53 -19.86 -14.93
CA PHE A 276 -36.70 -20.46 -15.58
C PHE A 276 -37.66 -19.35 -16.01
N PRO A 277 -38.52 -19.63 -17.00
CA PRO A 277 -39.47 -18.61 -17.44
C PRO A 277 -40.60 -18.42 -16.44
N HIS A 278 -41.05 -17.17 -16.31
CA HIS A 278 -42.13 -16.83 -15.41
C HIS A 278 -43.46 -16.94 -16.12
N GLN A 279 -44.47 -17.43 -15.42
CA GLN A 279 -45.80 -17.59 -15.98
C GLN A 279 -46.82 -17.00 -15.02
N ALA A 280 -47.86 -16.41 -15.57
CA ALA A 280 -48.89 -15.83 -14.71
C ALA A 280 -49.78 -16.94 -14.14
N SER A 281 -50.51 -16.60 -13.08
CA SER A 281 -51.37 -17.56 -12.41
C SER A 281 -52.48 -18.06 -13.32
N ASN A 282 -52.23 -19.13 -14.05
CA ASN A 282 -53.23 -19.73 -14.93
C ASN A 282 -53.05 -21.24 -14.99
N ASP A 299 -35.45 -22.97 -23.18
CA ASP A 299 -36.54 -22.12 -22.70
C ASP A 299 -36.10 -21.30 -21.49
N LEU A 300 -34.86 -21.51 -21.06
CA LEU A 300 -34.28 -20.80 -19.93
C LEU A 300 -33.65 -19.49 -20.40
N SER A 301 -33.28 -18.65 -19.43
CA SER A 301 -32.77 -17.32 -19.72
C SER A 301 -31.42 -17.13 -19.05
N LYS A 302 -30.40 -16.79 -19.84
CA LYS A 302 -29.10 -16.40 -19.34
C LYS A 302 -29.21 -15.09 -18.57
N SER A 303 -28.21 -14.82 -17.73
CA SER A 303 -28.21 -13.61 -16.93
C SER A 303 -26.78 -13.23 -16.60
N ASP A 304 -26.63 -12.09 -15.93
CA ASP A 304 -25.37 -11.70 -15.30
C ASP A 304 -25.52 -11.51 -13.79
N ASP A 305 -26.50 -12.19 -13.20
CA ASP A 305 -26.72 -12.14 -11.75
C ASP A 305 -25.96 -13.28 -11.08
N ALA A 306 -25.02 -12.93 -10.20
CA ALA A 306 -24.21 -13.93 -9.53
C ALA A 306 -25.04 -14.72 -8.53
N VAL A 307 -24.56 -15.94 -8.23
CA VAL A 307 -25.24 -16.81 -7.28
C VAL A 307 -24.23 -17.43 -6.34
N GLY A 308 -22.95 -17.22 -6.60
CA GLY A 308 -21.90 -17.84 -5.82
C GLY A 308 -21.71 -19.30 -6.19
N GLY A 309 -20.91 -19.98 -5.39
CA GLY A 309 -20.62 -21.38 -5.63
C GLY A 309 -20.18 -22.05 -4.34
N ASN A 310 -19.99 -23.37 -4.43
CA ASN A 310 -19.54 -24.17 -3.31
C ASN A 310 -18.02 -24.25 -3.24
N ALA A 311 -17.32 -23.67 -4.20
CA ALA A 311 -15.85 -23.64 -4.18
C ALA A 311 -15.39 -22.24 -4.57
N MET A 312 -14.27 -21.82 -3.98
CA MET A 312 -13.81 -20.45 -4.13
C MET A 312 -12.33 -20.38 -3.81
N ALA A 313 -11.62 -19.54 -4.56
CA ALA A 313 -10.20 -19.31 -4.35
C ALA A 313 -9.89 -17.86 -4.68
N VAL A 314 -9.17 -17.19 -3.79
CA VAL A 314 -8.83 -15.79 -3.95
C VAL A 314 -7.40 -15.58 -3.48
N ALA A 315 -6.67 -14.72 -4.17
CA ALA A 315 -5.29 -14.40 -3.80
C ALA A 315 -5.00 -12.95 -4.17
N SER A 316 -4.09 -12.34 -3.44
CA SER A 316 -3.74 -10.94 -3.66
C SER A 316 -2.30 -10.70 -3.23
N LEU A 317 -1.61 -9.87 -3.98
CA LEU A 317 -0.27 -9.40 -3.63
C LEU A 317 -0.29 -7.88 -3.62
N GLU A 318 0.23 -7.29 -2.54
CA GLU A 318 0.12 -5.85 -2.32
C GLU A 318 1.46 -5.31 -1.87
N PHE A 319 1.89 -4.22 -2.49
CA PHE A 319 3.13 -3.53 -2.14
C PHE A 319 2.79 -2.24 -1.41
N ILE A 320 3.10 -2.19 -0.13
CA ILE A 320 2.82 -1.02 0.71
C ILE A 320 4.04 -0.11 0.63
N THR A 321 3.80 1.16 0.31
CA THR A 321 4.85 2.14 0.12
C THR A 321 4.57 3.35 0.99
N PRO A 322 5.57 4.21 1.19
CA PRO A 322 5.29 5.51 1.82
C PRO A 322 4.40 6.36 0.91
N THR A 323 3.66 7.25 1.53
CA THR A 323 2.82 8.17 0.77
C THR A 323 3.71 9.28 0.22
N PRO A 324 3.56 9.65 -1.05
CA PRO A 324 4.49 10.65 -1.61
C PRO A 324 4.42 12.00 -0.90
N PHE A 325 5.59 12.44 -0.43
CA PHE A 325 5.86 13.80 0.05
C PHE A 325 5.07 14.19 1.30
N ILE A 326 4.58 13.23 2.09
CA ILE A 326 4.02 13.58 3.40
C ILE A 326 4.83 12.94 4.51
N SER A 327 6.09 13.33 4.65
CA SER A 327 6.93 12.78 5.70
C SER A 327 6.76 13.50 7.03
N ASP A 328 5.59 14.07 7.25
CA ASP A 328 5.34 14.84 8.47
C ASP A 328 4.78 13.92 9.55
N LYS A 329 4.03 14.47 10.51
CA LYS A 329 3.40 13.64 11.53
C LYS A 329 2.22 12.85 10.97
N TYR A 330 1.59 13.36 9.90
CA TYR A 330 0.46 12.67 9.33
C TYR A 330 0.85 11.41 8.57
N ALA A 331 2.15 11.15 8.40
CA ALA A 331 2.55 10.01 7.60
C ALA A 331 2.25 8.69 8.28
N ASN A 332 2.31 8.66 9.61
CA ASN A 332 2.08 7.41 10.33
C ASN A 332 0.64 6.94 10.23
N SER A 333 -0.30 7.83 9.97
CA SER A 333 -1.71 7.49 9.88
C SER A 333 -2.21 7.26 8.47
N VAL A 334 -1.35 7.33 7.46
CA VAL A 334 -1.74 7.17 6.08
C VAL A 334 -0.90 6.07 5.45
N ARG A 335 -1.55 5.21 4.66
CA ARG A 335 -0.88 4.08 4.03
C ARG A 335 -1.32 3.97 2.59
N THR A 336 -0.36 3.98 1.67
CA THR A 336 -0.60 3.82 0.25
C THR A 336 -0.06 2.46 -0.18
N SER A 337 -0.71 1.85 -1.18
CA SER A 337 -0.33 0.53 -1.63
C SER A 337 -0.74 0.29 -3.06
N PHE A 338 0.00 -0.59 -3.74
CA PHE A 338 -0.30 -1.05 -5.09
C PHE A 338 -0.52 -2.55 -5.01
N PHE A 339 -1.54 -3.06 -5.69
CA PHE A 339 -1.96 -4.43 -5.48
C PHE A 339 -2.29 -5.13 -6.79
N TRP A 340 -2.27 -6.46 -6.73
CA TRP A 340 -2.67 -7.35 -7.82
C TRP A 340 -3.61 -8.40 -7.22
N ASP A 341 -4.88 -8.35 -7.60
CA ASP A 341 -5.90 -9.24 -7.04
C ASP A 341 -6.36 -10.26 -8.08
N MET A 342 -6.72 -11.45 -7.61
CA MET A 342 -7.28 -12.48 -8.48
C MET A 342 -8.14 -13.41 -7.66
N GLY A 343 -9.09 -14.06 -8.34
CA GLY A 343 -9.99 -14.97 -7.66
C GLY A 343 -10.89 -15.69 -8.64
N THR A 344 -11.48 -16.78 -8.16
CA THR A 344 -12.45 -17.53 -8.93
C THR A 344 -13.44 -18.20 -8.00
N VAL A 345 -14.64 -18.43 -8.51
CA VAL A 345 -15.70 -19.16 -7.83
C VAL A 345 -16.36 -20.07 -8.85
N TRP A 346 -16.69 -21.28 -8.43
CA TRP A 346 -17.28 -22.23 -9.38
C TRP A 346 -18.20 -23.19 -8.64
N ASP A 347 -19.04 -23.88 -9.43
CA ASP A 347 -20.07 -24.78 -8.92
C ASP A 347 -19.71 -26.20 -9.31
N THR A 348 -19.24 -26.99 -8.33
CA THR A 348 -18.77 -28.33 -8.63
C THR A 348 -19.88 -29.24 -9.12
N ASN A 349 -21.14 -28.93 -8.79
CA ASN A 349 -22.27 -29.77 -9.16
C ASN A 349 -23.01 -29.23 -10.38
N TRP A 350 -22.45 -28.25 -11.08
CA TRP A 350 -23.05 -27.75 -12.31
C TRP A 350 -22.90 -28.80 -13.41
N ASP A 351 -24.01 -29.20 -14.00
CA ASP A 351 -24.04 -30.24 -15.04
C ASP A 351 -23.98 -29.56 -16.39
N SER A 352 -22.76 -29.42 -16.94
CA SER A 352 -22.59 -28.76 -18.23
C SER A 352 -23.16 -29.57 -19.38
N SER A 353 -23.33 -30.89 -19.20
CA SER A 353 -23.90 -31.71 -20.26
C SER A 353 -25.36 -31.34 -20.52
N GLN A 354 -26.17 -31.26 -19.47
CA GLN A 354 -27.58 -30.93 -19.64
C GLN A 354 -27.78 -29.50 -20.09
N TYR A 355 -26.78 -28.63 -19.92
CA TYR A 355 -26.89 -27.21 -20.24
C TYR A 355 -25.69 -26.78 -21.09
N SER A 356 -25.56 -27.40 -22.26
CA SER A 356 -24.41 -27.14 -23.11
C SER A 356 -24.47 -25.74 -23.73
N GLY A 357 -25.67 -25.20 -23.88
CA GLY A 357 -25.83 -23.85 -24.40
C GLY A 357 -25.36 -22.75 -23.47
N TYR A 358 -24.96 -23.09 -22.25
CA TYR A 358 -24.56 -22.13 -21.24
C TYR A 358 -23.14 -22.39 -20.79
N PRO A 359 -22.46 -21.37 -20.27
CA PRO A 359 -21.06 -21.56 -19.84
C PRO A 359 -20.94 -22.66 -18.80
N ASP A 360 -19.74 -23.23 -18.71
CA ASP A 360 -19.45 -24.29 -17.75
C ASP A 360 -19.10 -23.63 -16.42
N TYR A 361 -20.10 -23.50 -15.55
CA TYR A 361 -19.89 -22.88 -14.24
C TYR A 361 -19.21 -23.81 -13.25
N SER A 362 -18.89 -25.03 -13.65
CA SER A 362 -18.04 -25.91 -12.84
C SER A 362 -16.57 -25.74 -13.17
N ASP A 363 -16.22 -24.88 -14.13
CA ASP A 363 -14.83 -24.68 -14.52
C ASP A 363 -14.10 -23.83 -13.49
N PRO A 364 -13.11 -24.39 -12.79
CA PRO A 364 -12.37 -23.60 -11.80
C PRO A 364 -11.28 -22.72 -12.39
N SER A 365 -11.07 -22.75 -13.70
CA SER A 365 -9.89 -22.15 -14.30
C SER A 365 -10.14 -20.76 -14.86
N ASN A 366 -11.34 -20.20 -14.66
CA ASN A 366 -11.64 -18.85 -15.12
C ASN A 366 -11.20 -17.85 -14.05
N ILE A 367 -9.88 -17.70 -13.94
CA ILE A 367 -9.30 -16.79 -12.95
C ILE A 367 -9.53 -15.37 -13.41
N ARG A 368 -10.17 -14.56 -12.57
CA ARG A 368 -10.31 -13.13 -12.81
C ARG A 368 -9.19 -12.39 -12.10
N MET A 369 -8.71 -11.32 -12.71
CA MET A 369 -7.60 -10.55 -12.17
C MET A 369 -7.89 -9.07 -12.28
N SER A 370 -7.27 -8.29 -11.39
CA SER A 370 -7.39 -6.83 -11.41
C SER A 370 -6.11 -6.25 -10.81
N ALA A 371 -5.94 -4.95 -11.01
CA ALA A 371 -4.79 -4.24 -10.48
C ALA A 371 -5.18 -2.80 -10.21
N GLY A 372 -4.54 -2.19 -9.22
CA GLY A 372 -4.83 -0.82 -8.89
C GLY A 372 -4.09 -0.34 -7.66
N ILE A 373 -4.59 0.75 -7.09
CA ILE A 373 -3.93 1.46 -5.99
C ILE A 373 -4.95 1.66 -4.89
N ALA A 374 -4.50 1.58 -3.64
CA ALA A 374 -5.37 1.73 -2.48
C ALA A 374 -4.82 2.78 -1.54
N LEU A 375 -5.73 3.45 -0.84
CA LEU A 375 -5.37 4.52 0.11
C LEU A 375 -6.11 4.28 1.42
N GLN A 376 -5.36 4.27 2.52
CA GLN A 376 -5.93 4.07 3.86
C GLN A 376 -5.61 5.28 4.72
N TRP A 377 -6.64 5.84 5.37
CA TRP A 377 -6.48 7.05 6.15
C TRP A 377 -7.31 7.01 7.43
N MET A 378 -6.65 7.22 8.58
CA MET A 378 -7.35 7.39 9.85
C MET A 378 -7.76 8.85 10.00
N SER A 379 -8.74 9.25 9.19
CA SER A 379 -9.23 10.62 9.15
C SER A 379 -10.02 10.94 10.40
N PRO A 380 -10.41 12.21 10.59
CA PRO A 380 -11.25 12.55 11.76
C PRO A 380 -12.56 11.80 11.78
N LEU A 381 -13.16 11.57 10.61
CA LEU A 381 -14.45 10.89 10.55
C LEU A 381 -14.34 9.38 10.67
N GLY A 382 -13.19 8.84 11.07
CA GLY A 382 -13.05 7.41 11.22
C GLY A 382 -12.11 6.85 10.18
N PRO A 383 -11.89 5.54 10.20
CA PRO A 383 -11.01 4.92 9.20
C PRO A 383 -11.65 4.96 7.82
N LEU A 384 -10.84 5.30 6.83
CA LEU A 384 -11.28 5.40 5.45
C LEU A 384 -10.37 4.56 4.56
N VAL A 385 -10.95 3.88 3.57
CA VAL A 385 -10.19 3.12 2.60
C VAL A 385 -10.78 3.43 1.23
N PHE A 386 -9.93 3.90 0.32
CA PHE A 386 -10.32 4.20 -1.06
C PHE A 386 -9.43 3.40 -1.99
N SER A 387 -10.01 2.91 -3.09
CA SER A 387 -9.25 2.11 -4.04
C SER A 387 -9.76 2.32 -5.45
N TYR A 388 -8.82 2.34 -6.39
CA TYR A 388 -9.10 2.37 -7.83
C TYR A 388 -8.39 1.22 -8.50
N ALA A 389 -9.16 0.35 -9.15
CA ALA A 389 -8.60 -0.85 -9.77
C ALA A 389 -9.22 -1.06 -11.14
N GLN A 390 -8.44 -1.66 -12.03
CA GLN A 390 -8.89 -2.01 -13.37
C GLN A 390 -8.95 -3.52 -13.51
N PRO A 391 -10.11 -4.11 -13.72
CA PRO A 391 -10.17 -5.57 -13.92
C PRO A 391 -9.70 -6.00 -15.30
N PHE A 392 -8.40 -6.23 -15.47
CA PHE A 392 -7.84 -6.50 -16.79
C PHE A 392 -8.14 -7.92 -17.28
N LYS A 393 -8.52 -8.82 -16.38
CA LYS A 393 -8.93 -10.17 -16.77
C LYS A 393 -10.32 -10.45 -16.19
N LYS A 394 -11.35 -10.41 -17.03
CA LYS A 394 -12.70 -10.68 -16.59
C LYS A 394 -13.40 -11.57 -17.62
N TYR A 395 -14.56 -12.10 -17.24
CA TYR A 395 -15.28 -13.06 -18.05
C TYR A 395 -16.73 -12.62 -18.23
N ASP A 396 -17.44 -13.33 -19.10
CA ASP A 396 -18.82 -13.01 -19.43
C ASP A 396 -19.67 -12.89 -18.18
N GLY A 397 -20.32 -11.74 -18.03
CA GLY A 397 -21.22 -11.50 -16.94
C GLY A 397 -20.63 -10.74 -15.77
N ASP A 398 -19.30 -10.65 -15.71
CA ASP A 398 -18.66 -9.93 -14.61
C ASP A 398 -18.99 -8.44 -14.70
N LYS A 399 -19.23 -7.85 -13.54
CA LYS A 399 -19.59 -6.45 -13.43
C LYS A 399 -18.44 -5.69 -12.79
N ALA A 400 -18.05 -4.59 -13.42
CA ALA A 400 -16.90 -3.83 -12.94
C ALA A 400 -17.33 -2.73 -11.98
N GLU A 401 -16.42 -2.38 -11.06
CA GLU A 401 -16.64 -1.28 -10.13
C GLU A 401 -15.26 -0.74 -9.77
N GLN A 402 -14.72 0.11 -10.65
CA GLN A 402 -13.34 0.54 -10.50
C GLN A 402 -13.13 1.40 -9.26
N PHE A 403 -14.10 2.24 -8.91
CA PHE A 403 -13.99 3.10 -7.74
C PHE A 403 -14.78 2.45 -6.59
N GLN A 404 -14.08 2.09 -5.52
CA GLN A 404 -14.68 1.47 -4.35
C GLN A 404 -14.12 2.09 -3.09
N PHE A 405 -14.96 2.26 -2.07
CA PHE A 405 -14.50 2.89 -0.85
C PHE A 405 -15.42 2.51 0.30
N ASN A 406 -14.88 2.52 1.52
CA ASN A 406 -15.64 2.27 2.73
C ASN A 406 -15.18 3.21 3.83
N ILE A 407 -16.14 3.83 4.52
CA ILE A 407 -15.86 4.76 5.63
C ILE A 407 -16.75 4.40 6.80
N GLY A 408 -16.15 4.28 8.00
CA GLY A 408 -16.89 3.97 9.20
C GLY A 408 -16.56 4.93 10.33
N LYS A 409 -17.40 4.91 11.36
CA LYS A 409 -17.22 5.75 12.53
C LYS A 409 -17.89 5.09 13.73
N THR A 410 -17.15 4.93 14.82
CA THR A 410 -17.67 4.31 16.03
C THR A 410 -17.35 5.19 17.23
N TRP A 411 -18.31 5.29 18.15
CA TRP A 411 -18.11 6.08 19.35
C TRP A 411 -18.68 5.35 20.57
N GLN B 4 -40.07 11.55 -9.08
CA GLN B 4 -40.79 10.30 -8.86
C GLN B 4 -41.18 9.67 -10.19
N LEU B 5 -41.40 8.35 -10.19
CA LEU B 5 -41.75 7.65 -11.42
C LEU B 5 -43.10 8.12 -11.94
N VAL B 6 -43.17 8.38 -13.24
CA VAL B 6 -44.39 8.81 -13.91
C VAL B 6 -44.53 8.06 -15.22
N GLU B 7 -45.67 7.39 -15.40
CA GLU B 7 -45.95 6.67 -16.64
C GLU B 7 -46.73 7.56 -17.62
N SER B 8 -46.67 7.20 -18.89
CA SER B 8 -47.46 7.86 -19.92
C SER B 8 -47.51 6.98 -21.17
N GLY B 9 -48.44 7.31 -22.05
CA GLY B 9 -48.60 6.59 -23.30
C GLY B 9 -49.78 5.64 -23.38
N GLY B 10 -50.61 5.58 -22.35
CA GLY B 10 -51.76 4.70 -22.36
C GLY B 10 -52.91 5.25 -23.19
N GLY B 11 -53.99 4.49 -23.21
CA GLY B 11 -55.20 4.87 -23.92
C GLY B 11 -55.97 3.64 -24.35
N MET B 12 -56.76 3.81 -25.40
CA MET B 12 -57.62 2.76 -25.93
C MET B 12 -57.22 2.42 -27.35
N VAL B 13 -57.15 1.12 -27.65
CA VAL B 13 -56.76 0.64 -28.97
C VAL B 13 -57.54 -0.63 -29.28
N GLN B 14 -57.87 -0.81 -30.55
CA GLN B 14 -58.52 -2.03 -31.00
C GLN B 14 -57.49 -3.17 -31.08
N ALA B 15 -57.98 -4.40 -30.90
CA ALA B 15 -57.10 -5.56 -30.94
C ALA B 15 -56.21 -5.52 -32.18
N GLY B 16 -54.98 -5.97 -32.02
CA GLY B 16 -54.01 -5.97 -33.08
C GLY B 16 -53.11 -4.76 -33.13
N GLY B 17 -53.50 -3.66 -32.50
CA GLY B 17 -52.73 -2.43 -32.59
C GLY B 17 -51.46 -2.49 -31.76
N SER B 18 -50.83 -1.32 -31.66
CA SER B 18 -49.55 -1.17 -30.96
C SER B 18 -49.59 0.04 -30.05
N LEU B 19 -48.87 -0.04 -28.94
CA LEU B 19 -48.68 1.06 -28.02
C LEU B 19 -47.22 1.12 -27.59
N ARG B 20 -46.84 2.25 -27.02
CA ARG B 20 -45.50 2.44 -26.46
C ARG B 20 -45.65 3.21 -25.16
N LEU B 21 -45.50 2.52 -24.03
CA LEU B 21 -45.53 3.16 -22.70
C LEU B 21 -44.16 3.72 -22.36
N SER B 22 -44.16 4.82 -21.61
CA SER B 22 -42.93 5.51 -21.22
C SER B 22 -42.94 5.78 -19.73
N CYS B 23 -41.76 5.65 -19.11
CA CYS B 23 -41.61 5.91 -17.68
C CYS B 23 -40.33 6.72 -17.45
N ALA B 24 -40.44 7.78 -16.66
CA ALA B 24 -39.29 8.60 -16.34
C ALA B 24 -39.43 9.12 -14.92
N ALA B 25 -38.32 9.57 -14.35
CA ALA B 25 -38.31 10.21 -13.05
C ALA B 25 -37.56 11.53 -13.15
N SER B 26 -38.18 12.60 -12.66
CA SER B 26 -37.59 13.93 -12.77
C SER B 26 -36.25 13.99 -12.05
N GLY B 27 -35.23 14.44 -12.78
CA GLY B 27 -33.88 14.55 -12.27
C GLY B 27 -33.19 13.26 -11.87
N ARG B 28 -33.81 12.12 -12.17
CA ARG B 28 -33.23 10.82 -11.84
C ARG B 28 -32.96 10.04 -13.12
N THR B 29 -32.10 9.03 -13.01
CA THR B 29 -31.79 8.14 -14.12
C THR B 29 -31.93 6.70 -13.68
N PHE B 30 -32.02 5.80 -14.66
CA PHE B 30 -32.12 4.37 -14.40
C PHE B 30 -30.77 3.67 -14.41
N ASN B 31 -29.68 4.42 -14.22
CA ASN B 31 -28.34 3.86 -14.38
C ASN B 31 -28.11 2.69 -13.43
N GLY B 32 -28.28 2.92 -12.13
CA GLY B 32 -28.01 1.90 -11.15
C GLY B 32 -29.24 1.19 -10.65
N TRP B 33 -30.27 1.11 -11.49
CA TRP B 33 -31.56 0.58 -11.08
C TRP B 33 -31.98 -0.58 -11.97
N THR B 34 -32.56 -1.61 -11.36
CA THR B 34 -33.35 -2.59 -12.08
C THR B 34 -34.75 -2.02 -12.27
N ALA B 35 -35.29 -2.15 -13.48
CA ALA B 35 -36.59 -1.57 -13.81
C ALA B 35 -37.51 -2.65 -14.36
N ALA B 36 -38.81 -2.46 -14.13
CA ALA B 36 -39.80 -3.48 -14.49
C ALA B 36 -41.14 -2.83 -14.76
N TRP B 37 -41.97 -3.55 -15.51
CA TRP B 37 -43.35 -3.17 -15.76
C TRP B 37 -44.28 -4.21 -15.16
N PHE B 38 -45.30 -3.76 -14.44
CA PHE B 38 -46.38 -4.62 -13.96
C PHE B 38 -47.70 -4.13 -14.55
N ARG B 39 -48.72 -4.97 -14.44
CA ARG B 39 -50.06 -4.60 -14.89
C ARG B 39 -51.09 -5.23 -13.95
N GLN B 40 -52.24 -4.56 -13.84
CA GLN B 40 -53.34 -5.00 -12.98
C GLN B 40 -54.65 -4.96 -13.77
N ALA B 41 -55.03 -6.09 -14.35
CA ALA B 41 -56.34 -6.19 -14.99
C ALA B 41 -57.44 -5.99 -13.95
N PRO B 42 -58.60 -5.47 -14.36
CA PRO B 42 -59.64 -5.15 -13.37
C PRO B 42 -60.07 -6.38 -12.59
N GLY B 43 -60.19 -6.19 -11.27
CA GLY B 43 -60.56 -7.26 -10.37
C GLY B 43 -59.45 -8.19 -9.96
N LYS B 44 -58.31 -8.17 -10.64
CA LYS B 44 -57.20 -9.07 -10.40
C LYS B 44 -56.05 -8.36 -9.70
N ASP B 45 -54.99 -9.13 -9.44
CA ASP B 45 -53.81 -8.62 -8.75
C ASP B 45 -52.77 -8.10 -9.74
N ARG B 46 -51.83 -7.32 -9.21
CA ARG B 46 -50.67 -6.90 -9.98
C ARG B 46 -49.85 -8.11 -10.42
N GLU B 47 -49.55 -8.19 -11.72
CA GLU B 47 -48.79 -9.30 -12.26
C GLU B 47 -47.59 -8.77 -13.02
N PHE B 48 -46.49 -9.53 -12.97
CA PHE B 48 -45.26 -9.16 -13.65
C PHE B 48 -45.48 -9.16 -15.16
N VAL B 49 -44.93 -8.16 -15.83
CA VAL B 49 -44.96 -8.06 -17.29
C VAL B 49 -43.56 -8.24 -17.88
N ALA B 50 -42.60 -7.41 -17.47
CA ALA B 50 -41.28 -7.42 -18.08
C ALA B 50 -40.31 -6.68 -17.17
N ALA B 51 -39.02 -6.92 -17.39
CA ALA B 51 -37.98 -6.31 -16.59
C ALA B 51 -36.69 -6.25 -17.41
N ILE B 52 -35.82 -5.30 -17.04
CA ILE B 52 -34.52 -5.14 -17.67
C ILE B 52 -33.50 -5.01 -16.56
N SER B 53 -32.37 -5.71 -16.71
CA SER B 53 -31.40 -5.81 -15.62
C SER B 53 -30.70 -4.47 -15.40
N ARG B 54 -30.06 -4.36 -14.23
CA ARG B 54 -29.27 -3.18 -13.92
C ARG B 54 -28.25 -2.91 -15.01
N SER B 55 -27.54 -3.96 -15.44
CA SER B 55 -26.57 -3.82 -16.52
C SER B 55 -27.22 -3.37 -17.82
N GLY B 56 -28.48 -3.75 -18.02
CA GLY B 56 -29.17 -3.46 -19.26
C GLY B 56 -28.94 -4.47 -20.37
N ASP B 57 -28.18 -5.52 -20.11
CA ASP B 57 -27.83 -6.50 -21.13
C ASP B 57 -28.81 -7.67 -21.20
N TYR B 58 -29.75 -7.77 -20.27
CA TYR B 58 -30.65 -8.92 -20.22
C TYR B 58 -32.07 -8.44 -19.98
N THR B 59 -33.02 -9.09 -20.64
CA THR B 59 -34.43 -8.76 -20.52
C THR B 59 -35.20 -10.02 -20.18
N TYR B 60 -36.25 -9.89 -19.38
CA TYR B 60 -37.07 -11.00 -18.94
C TYR B 60 -38.54 -10.62 -19.07
N TYR B 61 -39.33 -11.53 -19.61
CA TYR B 61 -40.74 -11.28 -19.86
C TYR B 61 -41.59 -12.41 -19.31
N THR B 62 -42.85 -12.10 -18.98
CA THR B 62 -43.82 -13.13 -18.69
C THR B 62 -44.23 -13.81 -20.01
N ASN B 63 -44.58 -15.08 -19.90
CA ASN B 63 -44.79 -15.88 -21.12
C ASN B 63 -45.91 -15.31 -21.99
N SER B 64 -46.94 -14.75 -21.36
CA SER B 64 -48.11 -14.31 -22.13
C SER B 64 -47.77 -13.17 -23.08
N VAL B 65 -46.74 -12.36 -22.77
CA VAL B 65 -46.38 -11.22 -23.59
C VAL B 65 -45.06 -11.44 -24.31
N LYS B 66 -44.37 -12.55 -24.06
CA LYS B 66 -43.10 -12.80 -24.70
C LYS B 66 -43.26 -12.84 -26.21
N GLY B 67 -42.39 -12.11 -26.92
CA GLY B 67 -42.46 -12.01 -28.36
C GLY B 67 -43.37 -10.91 -28.88
N ARG B 68 -44.23 -10.35 -28.04
CA ARG B 68 -45.10 -9.26 -28.42
C ARG B 68 -44.70 -7.93 -27.78
N PHE B 69 -44.22 -7.96 -26.55
CA PHE B 69 -43.79 -6.76 -25.84
C PHE B 69 -42.27 -6.70 -25.82
N THR B 70 -41.74 -5.48 -25.74
CA THR B 70 -40.30 -5.27 -25.66
C THR B 70 -40.03 -4.15 -24.68
N ILE B 71 -39.25 -4.46 -23.64
CA ILE B 71 -38.80 -3.46 -22.66
C ILE B 71 -37.40 -3.00 -23.03
N SER B 72 -37.12 -1.72 -22.85
CA SER B 72 -35.82 -1.17 -23.23
C SER B 72 -35.61 0.15 -22.51
N ARG B 73 -34.38 0.66 -22.59
CA ARG B 73 -34.02 1.97 -22.09
C ARG B 73 -33.32 2.76 -23.18
N ASP B 74 -33.42 4.08 -23.12
CA ASP B 74 -32.67 4.93 -24.03
C ASP B 74 -31.22 5.05 -23.57
N SER B 75 -30.35 5.47 -24.49
CA SER B 75 -28.92 5.53 -24.21
C SER B 75 -28.62 6.22 -22.89
N ALA B 76 -29.17 7.41 -22.68
CA ALA B 76 -28.92 8.16 -21.45
C ALA B 76 -29.59 7.55 -20.23
N LYS B 77 -30.48 6.58 -20.42
CA LYS B 77 -31.15 5.91 -19.31
C LYS B 77 -32.03 6.87 -18.51
N ASN B 78 -32.55 7.91 -19.17
CA ASN B 78 -33.55 8.77 -18.57
C ASN B 78 -34.96 8.21 -18.67
N ASN B 79 -35.21 7.32 -19.63
CA ASN B 79 -36.55 6.85 -19.92
C ASN B 79 -36.57 5.33 -20.04
N LEU B 80 -37.68 4.75 -19.57
CA LEU B 80 -37.93 3.32 -19.70
C LEU B 80 -39.14 3.13 -20.60
N TYR B 81 -39.04 2.21 -21.55
CA TYR B 81 -40.09 2.00 -22.53
C TYR B 81 -40.64 0.58 -22.46
N LEU B 82 -41.91 0.45 -22.84
CA LEU B 82 -42.51 -0.87 -23.10
C LEU B 82 -43.23 -0.77 -24.44
N GLN B 83 -42.65 -1.38 -25.47
CA GLN B 83 -43.28 -1.48 -26.78
C GLN B 83 -44.29 -2.63 -26.75
N MET B 84 -45.57 -2.31 -26.91
CA MET B 84 -46.66 -3.29 -26.83
C MET B 84 -47.22 -3.51 -28.23
N ASP B 85 -46.81 -4.59 -28.87
CA ASP B 85 -47.29 -4.96 -30.20
C ASP B 85 -48.28 -6.11 -30.13
N SER B 86 -49.07 -6.25 -31.19
CA SER B 86 -50.05 -7.33 -31.30
C SER B 86 -50.89 -7.44 -30.03
N LEU B 87 -51.59 -6.35 -29.72
CA LEU B 87 -52.36 -6.27 -28.50
C LEU B 87 -53.59 -7.18 -28.55
N LYS B 88 -53.93 -7.73 -27.38
CA LYS B 88 -55.10 -8.58 -27.21
C LYS B 88 -56.00 -8.00 -26.13
N PRO B 89 -57.27 -8.40 -26.09
CA PRO B 89 -58.16 -7.85 -25.05
C PRO B 89 -57.67 -8.15 -23.65
N GLU B 90 -57.10 -9.32 -23.41
CA GLU B 90 -56.60 -9.67 -22.08
C GLU B 90 -55.43 -8.81 -21.64
N ASP B 91 -54.78 -8.09 -22.56
CA ASP B 91 -53.74 -7.16 -22.17
C ASP B 91 -54.32 -5.91 -21.49
N THR B 92 -55.65 -5.77 -21.43
CA THR B 92 -56.28 -4.62 -20.81
C THR B 92 -55.99 -4.61 -19.32
N ALA B 93 -55.42 -3.50 -18.83
CA ALA B 93 -55.03 -3.39 -17.43
C ALA B 93 -54.49 -1.98 -17.18
N VAL B 94 -54.24 -1.68 -15.92
CA VAL B 94 -53.50 -0.50 -15.53
C VAL B 94 -52.03 -0.91 -15.41
N TYR B 95 -51.16 -0.26 -16.18
CA TYR B 95 -49.75 -0.63 -16.24
C TYR B 95 -48.94 0.25 -15.32
N TYR B 96 -48.09 -0.37 -14.52
CA TYR B 96 -47.32 0.32 -13.51
C TYR B 96 -45.83 0.19 -13.82
N CYS B 97 -45.10 1.27 -13.59
CA CYS B 97 -43.65 1.31 -13.70
C CYS B 97 -43.04 1.12 -12.32
N ALA B 98 -41.99 0.29 -12.25
CA ALA B 98 -41.38 -0.06 -10.98
C ALA B 98 -39.86 -0.06 -11.12
N ALA B 99 -39.18 0.22 -10.02
CA ALA B 99 -37.73 0.33 -9.99
C ALA B 99 -37.20 -0.35 -8.74
N LYS B 100 -35.95 -0.80 -8.82
CA LYS B 100 -35.36 -1.62 -7.78
C LYS B 100 -33.85 -1.40 -7.79
N THR B 101 -33.25 -1.44 -6.60
CA THR B 101 -31.80 -1.30 -6.49
C THR B 101 -31.07 -2.61 -6.70
N GLY B 102 -31.68 -3.73 -6.35
CA GLY B 102 -31.05 -5.02 -6.48
C GLY B 102 -31.45 -5.75 -7.74
N THR B 103 -31.05 -7.02 -7.83
CA THR B 103 -31.33 -7.84 -9.00
C THR B 103 -32.84 -7.98 -9.17
N TRP B 104 -33.25 -8.37 -10.37
CA TRP B 104 -34.65 -8.32 -10.74
C TRP B 104 -35.44 -9.41 -10.01
N ALA B 105 -36.75 -9.13 -9.86
CA ALA B 105 -37.70 -10.05 -9.26
C ALA B 105 -39.02 -9.91 -9.99
N THR B 106 -39.94 -10.84 -9.72
CA THR B 106 -41.26 -10.85 -10.35
C THR B 106 -42.38 -10.51 -9.37
N MET B 107 -42.07 -10.26 -8.11
CA MET B 107 -43.07 -9.93 -7.11
C MET B 107 -43.06 -8.42 -6.86
N ASP B 108 -44.24 -7.80 -6.84
CA ASP B 108 -44.33 -6.35 -6.71
C ASP B 108 -43.73 -5.88 -5.39
N ARG B 109 -43.90 -6.65 -4.32
CA ARG B 109 -43.42 -6.19 -3.01
C ARG B 109 -41.91 -6.20 -2.91
N ARG B 110 -41.21 -6.78 -3.90
CA ARG B 110 -39.76 -6.74 -3.93
C ARG B 110 -39.21 -5.44 -4.53
N TYR B 111 -40.05 -4.64 -5.17
CA TYR B 111 -39.63 -3.38 -5.78
C TYR B 111 -39.81 -2.21 -4.82
N ASP B 112 -38.94 -1.21 -4.98
CA ASP B 112 -38.84 -0.12 -4.01
C ASP B 112 -39.68 1.10 -4.38
N TYR B 113 -39.72 1.46 -5.66
CA TYR B 113 -40.41 2.66 -6.12
C TYR B 113 -41.36 2.33 -7.26
N TRP B 114 -42.49 3.04 -7.28
CA TRP B 114 -43.58 2.75 -8.20
C TRP B 114 -44.09 4.05 -8.79
N GLY B 115 -44.63 3.94 -10.02
CA GLY B 115 -45.39 5.02 -10.62
C GLY B 115 -46.86 4.96 -10.21
N GLN B 116 -47.63 5.90 -10.77
CA GLN B 116 -49.04 5.99 -10.47
C GLN B 116 -49.90 5.08 -11.33
N GLY B 117 -49.37 4.59 -12.44
CA GLY B 117 -50.12 3.73 -13.32
C GLY B 117 -50.74 4.50 -14.48
N THR B 118 -50.87 3.82 -15.62
CA THR B 118 -51.51 4.37 -16.80
C THR B 118 -52.43 3.30 -17.40
N ARG B 119 -53.64 3.70 -17.76
CA ARG B 119 -54.65 2.74 -18.18
C ARG B 119 -54.48 2.37 -19.65
N VAL B 120 -54.57 1.08 -19.94
CA VAL B 120 -54.53 0.57 -21.31
C VAL B 120 -55.75 -0.32 -21.51
N THR B 121 -56.58 0.02 -22.49
CA THR B 121 -57.79 -0.75 -22.79
C THR B 121 -57.71 -1.22 -24.24
N VAL B 122 -57.83 -2.53 -24.43
CA VAL B 122 -57.84 -3.13 -25.76
C VAL B 122 -59.23 -3.70 -26.01
N SER B 123 -59.87 -3.26 -27.07
CA SER B 123 -61.25 -3.66 -27.36
C SER B 123 -61.25 -4.73 -28.44
N ALA B 124 -62.25 -5.60 -28.38
CA ALA B 124 -62.39 -6.67 -29.36
C ALA B 124 -62.49 -6.11 -30.78
N PHE C 27 2.00 4.33 -18.25
CA PHE C 27 2.52 3.65 -17.09
C PHE C 27 3.95 3.16 -17.20
N ASN C 28 4.80 3.69 -16.33
CA ASN C 28 6.17 3.22 -16.18
C ASN C 28 6.44 2.99 -14.71
N PHE C 29 6.92 1.80 -14.36
CA PHE C 29 7.21 1.41 -12.99
C PHE C 29 8.65 0.95 -12.87
N GLY C 30 9.23 1.20 -11.71
CA GLY C 30 10.59 0.77 -11.43
C GLY C 30 10.79 0.54 -9.94
N ILE C 31 11.30 -0.63 -9.59
CA ILE C 31 11.55 -0.99 -8.20
C ILE C 31 12.96 -1.54 -8.08
N GLY C 32 13.64 -1.19 -6.99
CA GLY C 32 14.99 -1.67 -6.76
C GLY C 32 15.31 -1.67 -5.28
N TYR C 33 16.32 -2.44 -4.91
CA TYR C 33 16.78 -2.48 -3.54
C TYR C 33 18.30 -2.60 -3.54
N GLY C 34 18.96 -1.79 -2.71
CA GLY C 34 20.40 -1.83 -2.61
C GLY C 34 20.86 -1.37 -1.23
N THR C 35 22.10 -1.73 -0.91
CA THR C 35 22.69 -1.33 0.36
C THR C 35 23.07 0.13 0.40
N GLU C 36 23.08 0.82 -0.75
CA GLU C 36 23.49 2.20 -0.80
C GLU C 36 22.36 3.14 -0.43
N SER C 37 21.15 2.88 -0.94
CA SER C 37 20.02 3.77 -0.76
C SER C 37 18.74 3.01 -0.41
N GLY C 38 18.85 1.76 0.01
CA GLY C 38 17.68 1.00 0.40
C GLY C 38 16.77 0.74 -0.79
N VAL C 39 15.48 1.00 -0.60
CA VAL C 39 14.48 0.78 -1.63
C VAL C 39 14.42 2.01 -2.55
N SER C 40 14.45 1.77 -3.86
CA SER C 40 14.34 2.81 -4.87
C SER C 40 13.06 2.54 -5.66
N PHE C 41 12.18 3.54 -5.73
CA PHE C 41 10.91 3.42 -6.43
C PHE C 41 10.78 4.52 -7.46
N GLN C 42 10.26 4.16 -8.64
CA GLN C 42 10.09 5.08 -9.75
C GLN C 42 8.75 4.85 -10.43
N ALA C 43 8.10 5.96 -10.79
CA ALA C 43 6.81 5.93 -11.49
C ALA C 43 6.77 7.06 -12.51
N GLY C 44 6.24 6.77 -13.69
CA GLY C 44 6.25 7.74 -14.78
C GLY C 44 5.06 7.58 -15.70
N VAL C 45 4.69 8.69 -16.34
CA VAL C 45 3.63 8.72 -17.35
C VAL C 45 4.09 9.61 -18.49
N GLN C 46 3.93 9.14 -19.73
CA GLN C 46 4.37 9.87 -20.91
C GLN C 46 3.25 9.99 -21.93
N GLN C 47 3.06 11.18 -22.47
CA GLN C 47 2.12 11.45 -23.56
C GLN C 47 2.89 12.11 -24.71
N ASP C 48 3.00 11.40 -25.84
CA ASP C 48 3.83 11.89 -26.93
C ASP C 48 3.29 13.21 -27.47
N ASN C 49 1.98 13.27 -27.73
CA ASN C 49 1.32 14.49 -28.17
C ASN C 49 0.26 14.83 -27.13
N TRP C 50 0.42 15.96 -26.47
CA TRP C 50 -0.45 16.34 -25.36
C TRP C 50 -1.53 17.27 -25.88
N LEU C 51 -2.74 16.73 -26.05
CA LEU C 51 -3.89 17.52 -26.47
C LEU C 51 -3.61 18.22 -27.80
N GLY C 52 -2.96 17.50 -28.72
CA GLY C 52 -2.70 18.01 -30.05
C GLY C 52 -1.79 19.21 -30.11
N THR C 53 -1.09 19.51 -29.01
CA THR C 53 -0.16 20.63 -29.00
C THR C 53 1.16 20.32 -29.70
N GLY C 54 1.47 19.04 -29.87
CA GLY C 54 2.77 18.64 -30.38
C GLY C 54 3.84 18.50 -29.31
N TYR C 55 3.57 18.96 -28.10
CA TYR C 55 4.51 18.81 -27.00
C TYR C 55 4.38 17.42 -26.38
N ALA C 56 5.51 16.83 -26.02
CA ALA C 56 5.52 15.57 -25.29
C ALA C 56 5.70 15.87 -23.81
N VAL C 57 4.70 15.52 -23.00
CA VAL C 57 4.67 15.84 -21.58
C VAL C 57 4.81 14.55 -20.77
N GLY C 58 5.61 14.62 -19.70
CA GLY C 58 5.79 13.49 -18.82
C GLY C 58 5.97 13.87 -17.37
N ILE C 59 5.39 13.08 -16.47
CA ILE C 59 5.56 13.23 -15.04
C ILE C 59 6.31 12.00 -14.53
N ASN C 60 7.31 12.24 -13.68
CA ASN C 60 8.13 11.17 -13.12
C ASN C 60 8.26 11.37 -11.62
N GLY C 61 8.46 10.28 -10.91
CA GLY C 61 8.60 10.31 -9.47
C GLY C 61 9.68 9.35 -9.03
N THR C 62 10.43 9.73 -8.01
CA THR C 62 11.53 8.91 -7.51
C THR C 62 11.57 8.97 -6.00
N LYS C 63 11.89 7.82 -5.38
CA LYS C 63 11.90 7.69 -3.93
C LYS C 63 13.08 6.86 -3.46
N ASN C 64 13.82 7.38 -2.49
CA ASN C 64 15.01 6.74 -1.96
C ASN C 64 14.87 6.63 -0.44
N ASP C 65 15.91 6.05 0.19
CA ASP C 65 16.06 6.20 1.63
C ASP C 65 16.18 7.67 2.04
N TYR C 66 16.81 8.47 1.19
CA TYR C 66 17.15 9.84 1.51
C TYR C 66 16.60 10.88 0.54
N GLN C 67 15.98 10.46 -0.56
CA GLN C 67 15.56 11.39 -1.59
C GLN C 67 14.15 11.09 -2.06
N THR C 68 13.35 12.15 -2.19
CA THR C 68 12.02 12.07 -2.79
C THR C 68 11.96 13.11 -3.89
N TYR C 69 11.75 12.67 -5.13
CA TYR C 69 11.88 13.54 -6.29
C TYR C 69 10.70 13.37 -7.24
N ALA C 70 10.23 14.50 -7.76
CA ALA C 70 9.13 14.54 -8.71
C ALA C 70 9.42 15.62 -9.73
N GLU C 71 9.24 15.30 -11.02
CA GLU C 71 9.51 16.27 -12.08
C GLU C 71 8.37 16.27 -13.09
N LEU C 72 8.27 17.39 -13.81
CA LEU C 72 7.42 17.51 -14.99
C LEU C 72 8.33 17.85 -16.16
N SER C 73 8.38 16.97 -17.15
CA SER C 73 9.26 17.12 -18.31
C SER C 73 8.45 17.55 -19.52
N VAL C 74 9.08 18.37 -20.38
CA VAL C 74 8.44 18.87 -21.59
C VAL C 74 9.43 18.80 -22.73
N THR C 75 8.98 18.28 -23.87
CA THR C 75 9.76 18.27 -25.10
C THR C 75 8.83 18.52 -26.28
N ASN C 76 9.43 18.71 -27.45
CA ASN C 76 8.67 18.93 -28.68
C ASN C 76 9.57 18.63 -29.87
N PRO C 77 9.40 17.48 -30.52
CA PRO C 77 10.30 17.13 -31.63
C PRO C 77 10.14 18.02 -32.85
N TYR C 78 9.04 18.75 -32.96
CA TYR C 78 8.84 19.69 -34.05
C TYR C 78 9.63 20.99 -33.86
N PHE C 79 10.28 21.17 -32.71
CA PHE C 79 11.19 22.28 -32.50
C PHE C 79 12.62 21.97 -32.92
N THR C 80 12.96 20.70 -33.14
CA THR C 80 14.34 20.33 -33.42
C THR C 80 14.82 20.97 -34.72
N VAL C 81 16.04 21.50 -34.68
CA VAL C 81 16.63 22.22 -35.81
C VAL C 81 18.00 21.60 -36.08
N ASP C 82 18.13 20.95 -37.23
CA ASP C 82 19.37 20.28 -37.61
C ASP C 82 19.85 19.33 -36.50
N GLY C 83 18.91 18.56 -35.97
CA GLY C 83 19.22 17.60 -34.93
C GLY C 83 19.43 18.18 -33.55
N VAL C 84 19.27 19.49 -33.38
CA VAL C 84 19.44 20.14 -32.09
C VAL C 84 18.07 20.26 -31.43
N SER C 85 17.94 19.68 -30.24
CA SER C 85 16.64 19.57 -29.56
C SER C 85 16.60 20.45 -28.32
N LEU C 86 15.38 20.73 -27.87
CA LEU C 86 15.12 21.56 -26.70
C LEU C 86 14.23 20.82 -25.72
N GLY C 87 14.59 20.90 -24.45
CA GLY C 87 13.81 20.23 -23.41
C GLY C 87 13.67 21.10 -22.18
N GLY C 88 12.55 20.92 -21.49
CA GLY C 88 12.26 21.63 -20.26
C GLY C 88 12.04 20.72 -19.08
N ARG C 89 12.16 21.26 -17.86
CA ARG C 89 12.00 20.44 -16.66
C ARG C 89 11.50 21.31 -15.52
N LEU C 90 10.52 20.78 -14.77
CA LEU C 90 10.02 21.41 -13.56
C LEU C 90 9.97 20.34 -12.47
N PHE C 91 10.68 20.58 -11.36
CA PHE C 91 10.91 19.52 -10.39
C PHE C 91 10.76 20.04 -8.96
N TYR C 92 10.62 19.08 -8.05
CA TYR C 92 10.69 19.30 -6.61
C TYR C 92 11.52 18.18 -6.03
N ASN C 93 12.36 18.51 -5.03
CA ASN C 93 13.26 17.53 -4.46
C ASN C 93 13.32 17.67 -2.95
N ASP C 94 13.21 16.55 -2.25
CA ASP C 94 13.27 16.48 -0.79
C ASP C 94 14.42 15.58 -0.42
N PHE C 95 15.44 16.15 0.22
CA PHE C 95 16.66 15.43 0.58
C PHE C 95 16.81 15.41 2.10
N GLN C 96 16.97 14.22 2.66
CA GLN C 96 17.20 14.03 4.10
C GLN C 96 18.62 13.50 4.26
N ALA C 97 19.54 14.40 4.62
CA ALA C 97 20.95 14.04 4.64
C ALA C 97 21.25 12.95 5.67
N ASP C 98 20.50 12.92 6.78
CA ASP C 98 20.75 11.90 7.79
C ASP C 98 20.60 10.50 7.23
N ASP C 99 19.65 10.31 6.30
CA ASP C 99 19.42 9.00 5.69
C ASP C 99 20.43 8.67 4.60
N ALA C 100 21.39 9.56 4.34
CA ALA C 100 22.51 9.27 3.46
C ALA C 100 23.82 9.12 4.24
N ASP C 101 23.73 8.97 5.56
CA ASP C 101 24.92 8.80 6.40
C ASP C 101 25.77 10.08 6.40
N LEU C 102 25.13 11.22 6.42
CA LEU C 102 25.79 12.51 6.52
C LEU C 102 25.34 13.20 7.82
N SER C 103 26.08 14.25 8.20
CA SER C 103 25.61 15.12 9.27
C SER C 103 24.20 15.63 8.92
N ASP C 104 23.30 15.59 9.90
CA ASP C 104 21.88 15.79 9.61
C ASP C 104 21.61 17.19 9.07
N TYR C 105 20.79 17.24 8.02
CA TYR C 105 20.18 18.47 7.54
C TYR C 105 19.13 18.09 6.51
N THR C 106 18.22 19.04 6.25
CA THR C 106 17.14 18.85 5.28
C THR C 106 17.21 19.93 4.22
N ASN C 107 16.95 19.54 2.97
CA ASN C 107 16.99 20.47 1.85
C ASN C 107 15.78 20.21 0.96
N LYS C 108 14.78 21.09 1.06
CA LYS C 108 13.61 21.05 0.19
C LYS C 108 13.81 22.10 -0.89
N SER C 109 13.87 21.65 -2.14
CA SER C 109 14.24 22.50 -3.25
C SER C 109 13.30 22.29 -4.41
N TYR C 110 13.24 23.30 -5.28
CA TYR C 110 12.43 23.27 -6.49
C TYR C 110 13.05 24.23 -7.49
N GLY C 111 12.85 23.96 -8.78
CA GLY C 111 13.44 24.80 -9.80
C GLY C 111 13.02 24.37 -11.19
N THR C 112 13.71 24.93 -12.18
CA THR C 112 13.41 24.71 -13.58
C THR C 112 14.70 24.61 -14.37
N ASP C 113 14.65 23.89 -15.49
CA ASP C 113 15.79 23.75 -16.38
C ASP C 113 15.33 23.72 -17.82
N VAL C 114 16.04 24.46 -18.68
CA VAL C 114 15.89 24.38 -20.12
C VAL C 114 17.22 23.94 -20.70
N THR C 115 17.20 22.89 -21.52
CA THR C 115 18.42 22.26 -22.00
C THR C 115 18.36 22.07 -23.51
N LEU C 116 19.53 22.18 -24.14
CA LEU C 116 19.68 21.95 -25.58
C LEU C 116 20.58 20.74 -25.80
N GLY C 117 20.24 19.92 -26.80
CA GLY C 117 21.02 18.74 -27.12
C GLY C 117 21.62 18.75 -28.51
N PHE C 118 22.95 18.70 -28.61
CA PHE C 118 23.65 18.68 -29.88
C PHE C 118 24.21 17.30 -30.16
N PRO C 119 23.84 16.64 -31.27
CA PRO C 119 24.50 15.37 -31.60
C PRO C 119 25.71 15.57 -32.50
N ILE C 120 26.91 15.40 -31.95
CA ILE C 120 28.12 15.62 -32.74
C ILE C 120 28.31 14.49 -33.75
N ASN C 121 28.16 13.25 -33.30
CA ASN C 121 28.23 12.09 -34.19
C ASN C 121 27.54 10.94 -33.48
N GLU C 122 27.69 9.74 -34.04
CA GLU C 122 27.00 8.58 -33.49
C GLU C 122 27.43 8.26 -32.07
N TYR C 123 28.59 8.76 -31.62
CA TYR C 123 29.12 8.41 -30.31
C TYR C 123 29.32 9.60 -29.37
N ASN C 124 29.10 10.83 -29.82
CA ASN C 124 29.33 12.00 -28.98
C ASN C 124 28.12 12.93 -29.04
N SER C 125 27.73 13.43 -27.87
CA SER C 125 26.66 14.42 -27.76
C SER C 125 27.07 15.50 -26.77
N LEU C 126 26.51 16.70 -26.95
CA LEU C 126 26.72 17.81 -26.06
C LEU C 126 25.38 18.33 -25.54
N ARG C 127 25.44 19.12 -24.47
CA ARG C 127 24.24 19.74 -23.93
C ARG C 127 24.63 21.01 -23.18
N ALA C 128 23.71 21.97 -23.17
CA ALA C 128 23.90 23.24 -22.48
C ALA C 128 22.54 23.79 -22.12
N GLY C 129 22.41 24.29 -20.89
CA GLY C 129 21.13 24.78 -20.43
C GLY C 129 21.26 25.81 -19.33
N LEU C 130 20.12 26.42 -19.00
CA LEU C 130 19.99 27.37 -17.90
C LEU C 130 19.03 26.82 -16.87
N GLY C 131 19.37 26.97 -15.61
CA GLY C 131 18.55 26.47 -14.52
C GLY C 131 18.32 27.50 -13.44
N TYR C 132 17.12 27.43 -12.86
CA TYR C 132 16.80 28.12 -11.62
C TYR C 132 16.54 27.09 -10.55
N VAL C 133 16.96 27.37 -9.32
CA VAL C 133 16.75 26.45 -8.20
C VAL C 133 16.60 27.27 -6.93
N HIS C 134 15.57 26.96 -6.15
CA HIS C 134 15.38 27.49 -4.80
C HIS C 134 15.73 26.40 -3.81
N ASN C 135 16.71 26.64 -2.95
CA ASN C 135 17.12 25.71 -1.91
C ASN C 135 16.65 26.24 -0.56
N SER C 136 15.91 25.41 0.17
CA SER C 136 15.42 25.74 1.50
C SER C 136 16.05 24.77 2.48
N LEU C 137 17.02 25.24 3.25
CA LEU C 137 17.75 24.42 4.20
C LEU C 137 17.15 24.56 5.59
N SER C 138 17.16 23.45 6.35
CA SER C 138 16.68 23.46 7.71
C SER C 138 17.25 22.25 8.44
N ASN C 139 17.10 22.26 9.77
CA ASN C 139 17.50 21.13 10.61
C ASN C 139 19.00 20.87 10.52
N MET C 140 19.79 21.91 10.30
CA MET C 140 21.24 21.76 10.23
C MET C 140 21.80 21.56 11.63
N GLN C 141 22.43 20.39 11.86
CA GLN C 141 23.11 20.12 13.12
C GLN C 141 24.47 20.81 13.10
N PRO C 142 24.72 21.78 13.97
CA PRO C 142 25.93 22.59 13.86
C PRO C 142 27.21 21.77 13.76
N GLN C 143 27.99 22.05 12.72
CA GLN C 143 29.33 21.47 12.55
C GLN C 143 30.23 22.57 11.97
N VAL C 144 31.54 22.36 12.08
CA VAL C 144 32.50 23.40 11.73
C VAL C 144 32.41 23.75 10.24
N ALA C 145 32.62 22.74 9.38
CA ALA C 145 32.69 23.00 7.95
C ALA C 145 31.38 23.59 7.42
N MET C 146 30.24 23.07 7.88
CA MET C 146 28.95 23.62 7.46
C MET C 146 28.82 25.08 7.85
N TRP C 147 29.14 25.39 9.11
CA TRP C 147 29.03 26.77 9.57
C TRP C 147 30.05 27.68 8.90
N ARG C 148 31.15 27.12 8.40
CA ARG C 148 32.12 27.93 7.65
C ARG C 148 31.47 28.47 6.37
N TYR C 149 30.75 27.61 5.64
CA TYR C 149 30.03 28.08 4.46
C TYR C 149 28.94 29.08 4.84
N LEU C 150 28.21 28.83 5.93
CA LEU C 150 27.11 29.70 6.30
C LEU C 150 27.62 31.11 6.64
N TYR C 151 28.74 31.20 7.36
CA TYR C 151 29.33 32.51 7.64
C TYR C 151 29.77 33.20 6.35
N SER C 152 30.33 32.43 5.40
CA SER C 152 30.74 33.03 4.14
C SER C 152 29.57 33.62 3.38
N MET C 153 28.34 33.31 3.78
CA MET C 153 27.12 33.84 3.16
C MET C 153 26.46 34.93 4.01
N GLY C 154 27.09 35.35 5.10
CA GLY C 154 26.52 36.33 5.98
C GLY C 154 25.54 35.81 7.01
N GLU C 155 25.40 34.50 7.13
CA GLU C 155 24.50 33.91 8.10
C GLU C 155 25.24 33.63 9.40
N HIS C 156 24.56 33.87 10.52
CA HIS C 156 25.15 33.71 11.85
C HIS C 156 24.20 32.91 12.75
N PRO C 157 23.82 31.70 12.33
CA PRO C 157 22.91 30.91 13.17
C PRO C 157 23.62 30.32 14.37
N SER C 158 22.87 30.11 15.44
CA SER C 158 23.43 29.59 16.67
C SER C 158 24.11 28.25 16.43
N THR C 159 25.24 28.04 17.11
CA THR C 159 25.97 26.78 17.03
C THR C 159 25.50 25.76 18.05
N SER C 160 24.58 26.14 18.94
CA SER C 160 24.16 25.28 20.03
C SER C 160 22.76 24.72 19.85
N ASP C 161 22.21 24.83 18.64
CA ASP C 161 20.81 24.46 18.40
C ASP C 161 20.67 24.01 16.95
N GLN C 162 19.80 23.04 16.74
CA GLN C 162 19.54 22.52 15.40
C GLN C 162 18.36 23.19 14.72
N ASP C 163 17.63 24.05 15.41
CA ASP C 163 16.48 24.75 14.83
C ASP C 163 17.00 26.00 14.12
N ASN C 164 17.07 25.93 12.79
CA ASN C 164 17.65 27.00 11.99
C ASN C 164 17.09 26.91 10.58
N SER C 165 17.43 27.90 9.76
CA SER C 165 16.82 28.03 8.44
C SER C 165 17.71 28.89 7.56
N PHE C 166 17.79 28.53 6.28
CA PHE C 166 18.54 29.31 5.30
C PHE C 166 17.97 29.03 3.91
N LYS C 167 17.45 30.08 3.26
CA LYS C 167 16.85 29.97 1.93
C LYS C 167 17.70 30.72 0.91
N THR C 168 17.83 30.15 -0.28
CA THR C 168 18.61 30.80 -1.34
C THR C 168 17.93 30.58 -2.69
N ASP C 169 18.24 31.48 -3.63
CA ASP C 169 17.72 31.44 -5.00
C ASP C 169 18.90 31.61 -5.95
N ASP C 170 19.10 30.64 -6.85
CA ASP C 170 20.25 30.64 -7.73
C ASP C 170 19.83 30.40 -9.18
N PHE C 171 20.61 30.96 -10.09
CA PHE C 171 20.51 30.71 -11.52
C PHE C 171 21.85 30.15 -11.99
N THR C 172 21.80 29.13 -12.84
CA THR C 172 23.01 28.42 -13.21
C THR C 172 23.07 28.22 -14.71
N PHE C 173 24.29 28.06 -15.22
CA PHE C 173 24.55 27.59 -16.58
C PHE C 173 25.13 26.19 -16.52
N ASN C 174 24.51 25.26 -17.23
CA ASN C 174 24.85 23.84 -17.18
C ASN C 174 25.34 23.36 -18.53
N TYR C 175 26.45 22.63 -18.55
CA TYR C 175 26.99 22.07 -19.79
C TYR C 175 27.48 20.66 -19.53
N GLY C 176 27.44 19.82 -20.57
CA GLY C 176 27.83 18.44 -20.45
C GLY C 176 28.33 17.87 -21.75
N TRP C 177 29.21 16.85 -21.64
CA TRP C 177 29.71 16.12 -22.80
C TRP C 177 29.73 14.63 -22.47
N THR C 178 29.23 13.82 -23.39
CA THR C 178 29.18 12.37 -23.22
C THR C 178 29.76 11.69 -24.45
N TYR C 179 30.80 10.89 -24.25
CA TYR C 179 31.33 9.97 -25.25
C TYR C 179 30.96 8.56 -24.83
N ASN C 180 30.30 7.81 -25.72
CA ASN C 180 29.87 6.46 -25.43
C ASN C 180 30.12 5.59 -26.65
N LYS C 181 31.10 4.68 -26.55
CA LYS C 181 31.40 3.74 -27.62
C LYS C 181 31.44 2.31 -27.08
N LEU C 182 30.69 2.03 -26.03
CA LEU C 182 30.60 0.68 -25.50
C LEU C 182 29.86 -0.23 -26.48
N ASP C 183 30.32 -1.47 -26.60
CA ASP C 183 29.78 -2.37 -27.61
C ASP C 183 28.38 -2.85 -27.26
N ARG C 184 28.03 -2.89 -25.97
CA ARG C 184 26.73 -3.34 -25.50
C ARG C 184 26.43 -2.62 -24.19
N GLY C 185 25.12 -2.52 -23.86
CA GLY C 185 24.70 -1.65 -22.74
C GLY C 185 24.98 -2.29 -21.38
N TYR C 186 24.51 -3.53 -21.15
CA TYR C 186 24.43 -4.09 -19.79
C TYR C 186 25.75 -4.71 -19.31
N PHE C 187 26.28 -5.70 -20.06
CA PHE C 187 27.56 -6.31 -19.73
C PHE C 187 28.60 -5.90 -20.78
N PRO C 188 29.20 -4.71 -20.68
CA PRO C 188 30.15 -4.27 -21.72
C PRO C 188 31.38 -5.17 -21.78
N THR C 189 31.95 -5.26 -22.98
CA THR C 189 33.18 -6.01 -23.19
C THR C 189 34.24 -5.22 -23.96
N ASP C 190 33.92 -4.07 -24.53
CA ASP C 190 34.88 -3.30 -25.31
C ASP C 190 34.41 -1.85 -25.37
N GLY C 191 35.37 -0.94 -25.49
CA GLY C 191 35.08 0.47 -25.63
C GLY C 191 35.14 1.22 -24.32
N SER C 192 34.83 2.52 -24.40
CA SER C 192 34.90 3.41 -23.26
C SER C 192 33.67 4.31 -23.24
N ARG C 193 33.37 4.85 -22.05
CA ARG C 193 32.35 5.87 -21.88
C ARG C 193 32.92 6.98 -21.01
N VAL C 194 32.79 8.21 -21.47
CA VAL C 194 33.27 9.39 -20.75
C VAL C 194 32.11 10.36 -20.57
N ASN C 195 32.00 10.92 -19.37
CA ASN C 195 30.96 11.90 -19.05
C ASN C 195 31.60 13.06 -18.31
N LEU C 196 31.48 14.25 -18.88
CA LEU C 196 31.99 15.49 -18.28
C LEU C 196 30.83 16.45 -18.08
N THR C 197 30.68 16.95 -16.86
CA THR C 197 29.64 17.91 -16.53
C THR C 197 30.23 19.09 -15.78
N GLY C 198 29.59 20.24 -15.93
CA GLY C 198 30.01 21.45 -15.24
C GLY C 198 28.89 22.46 -15.12
N LYS C 199 28.81 23.13 -13.98
CA LYS C 199 27.86 24.22 -13.83
C LYS C 199 28.53 25.36 -13.05
N VAL C 200 27.98 26.56 -13.23
CA VAL C 200 28.47 27.75 -12.56
C VAL C 200 27.28 28.66 -12.32
N THR C 201 27.33 29.39 -11.20
CA THR C 201 26.27 30.35 -10.90
C THR C 201 26.38 31.56 -11.80
N ILE C 202 25.23 32.15 -12.12
CA ILE C 202 25.16 33.34 -12.95
C ILE C 202 25.07 34.56 -12.04
N PRO C 203 25.80 35.65 -12.34
CA PRO C 203 25.65 36.88 -11.54
C PRO C 203 24.21 37.20 -11.21
N GLY C 204 23.95 37.53 -9.96
CA GLY C 204 22.60 37.70 -9.45
C GLY C 204 22.16 36.60 -8.50
N SER C 205 22.82 35.45 -8.52
CA SER C 205 22.48 34.37 -7.63
C SER C 205 22.97 34.67 -6.21
N ASP C 206 22.31 34.05 -5.23
CA ASP C 206 22.77 34.15 -3.85
C ASP C 206 24.12 33.47 -3.67
N ASN C 207 24.26 32.26 -4.21
CA ASN C 207 25.53 31.54 -4.14
C ASN C 207 26.43 31.92 -5.30
N GLU C 208 27.71 31.62 -5.15
CA GLU C 208 28.72 31.96 -6.14
C GLU C 208 29.76 30.84 -6.15
N TYR C 209 29.65 29.93 -7.13
CA TYR C 209 30.52 28.77 -7.17
C TYR C 209 30.46 28.12 -8.54
N TYR C 210 31.42 27.23 -8.78
CA TYR C 210 31.43 26.34 -9.94
C TYR C 210 31.62 24.91 -9.45
N LYS C 211 31.43 23.96 -10.37
CA LYS C 211 31.51 22.55 -10.00
C LYS C 211 31.71 21.73 -11.27
N VAL C 212 32.68 20.81 -11.24
CA VAL C 212 33.02 19.98 -12.38
C VAL C 212 33.09 18.52 -11.94
N THR C 213 32.60 17.62 -12.79
CA THR C 213 32.67 16.19 -12.53
C THR C 213 33.09 15.46 -13.81
N LEU C 214 33.85 14.38 -13.64
CA LEU C 214 34.34 13.59 -14.77
C LEU C 214 34.28 12.12 -14.40
N ASP C 215 33.70 11.32 -15.29
CA ASP C 215 33.57 9.87 -15.11
C ASP C 215 34.08 9.17 -16.36
N THR C 216 34.85 8.10 -16.16
CA THR C 216 35.36 7.31 -17.27
C THR C 216 35.28 5.83 -16.96
N ALA C 217 34.92 5.03 -17.97
CA ALA C 217 34.95 3.59 -17.91
C ALA C 217 35.58 3.07 -19.21
N THR C 218 36.48 2.10 -19.07
CA THR C 218 37.23 1.58 -20.22
C THR C 218 37.30 0.06 -20.13
N TYR C 219 36.81 -0.61 -21.16
CA TYR C 219 36.82 -2.07 -21.23
C TYR C 219 37.80 -2.52 -22.31
N VAL C 220 38.68 -3.45 -21.94
CA VAL C 220 39.64 -4.02 -22.89
C VAL C 220 39.51 -5.53 -22.87
N PRO C 221 39.02 -6.15 -23.94
CA PRO C 221 38.97 -7.63 -23.96
C PRO C 221 40.35 -8.20 -24.25
N ILE C 222 40.74 -9.22 -23.48
CA ILE C 222 42.07 -9.81 -23.63
C ILE C 222 42.01 -11.11 -24.41
N ASP C 223 40.87 -11.78 -24.41
CA ASP C 223 40.71 -13.02 -25.17
C ASP C 223 39.80 -12.77 -26.37
N ASP C 224 39.88 -13.69 -27.35
CA ASP C 224 39.14 -13.50 -28.60
C ASP C 224 37.63 -13.51 -28.37
N ASP C 225 37.16 -14.33 -27.44
CA ASP C 225 35.73 -14.47 -27.19
C ASP C 225 35.17 -13.38 -26.28
N HIS C 226 36.00 -12.45 -25.81
CA HIS C 226 35.56 -11.39 -24.90
C HIS C 226 35.05 -11.94 -23.58
N LYS C 227 35.43 -13.17 -23.24
CA LYS C 227 35.06 -13.76 -21.96
C LYS C 227 35.89 -13.18 -20.82
N TRP C 228 37.10 -12.71 -21.11
CA TRP C 228 38.03 -12.13 -20.14
C TRP C 228 38.28 -10.68 -20.51
N VAL C 229 37.99 -9.77 -19.58
CA VAL C 229 38.03 -8.33 -19.88
C VAL C 229 38.66 -7.57 -18.72
N VAL C 230 39.53 -6.62 -19.06
CA VAL C 230 40.10 -5.68 -18.09
C VAL C 230 39.29 -4.40 -18.12
N LEU C 231 38.99 -3.85 -16.94
CA LEU C 231 38.17 -2.66 -16.81
C LEU C 231 38.87 -1.62 -15.94
N GLY C 232 38.95 -0.40 -16.45
CA GLY C 232 39.47 0.72 -15.69
C GLY C 232 38.46 1.84 -15.50
N ARG C 233 38.17 2.17 -14.24
CA ARG C 233 37.23 3.22 -13.88
C ARG C 233 37.95 4.37 -13.19
N THR C 234 37.55 5.59 -13.51
CA THR C 234 37.98 6.76 -12.75
C THR C 234 36.80 7.71 -12.58
N ARG C 235 36.88 8.55 -11.55
CA ARG C 235 35.82 9.49 -11.23
C ARG C 235 36.47 10.67 -10.51
N TRP C 236 36.14 11.89 -10.95
CA TRP C 236 36.76 13.08 -10.41
C TRP C 236 35.70 14.14 -10.17
N GLY C 237 35.97 15.00 -9.20
CA GLY C 237 35.09 16.12 -8.91
C GLY C 237 35.84 17.27 -8.27
N TYR C 238 35.58 18.50 -8.73
CA TYR C 238 36.17 19.67 -8.12
C TYR C 238 35.21 20.84 -8.21
N GLY C 239 35.09 21.58 -7.13
CA GLY C 239 34.28 22.78 -7.08
C GLY C 239 34.80 23.70 -6.01
N ASP C 240 34.45 24.98 -6.14
CA ASP C 240 34.91 25.99 -5.19
C ASP C 240 34.07 27.24 -5.36
N GLY C 241 34.14 28.12 -4.36
CA GLY C 241 33.50 29.40 -4.44
C GLY C 241 34.20 30.32 -5.41
N LEU C 242 33.61 31.50 -5.63
CA LEU C 242 34.13 32.45 -6.59
C LEU C 242 34.41 33.82 -5.99
N GLY C 243 33.41 34.51 -5.46
CA GLY C 243 33.62 35.85 -4.93
C GLY C 243 33.62 35.92 -3.43
N GLY C 244 34.50 35.16 -2.79
CA GLY C 244 34.59 35.11 -1.35
C GLY C 244 33.64 34.12 -0.71
N LYS C 245 32.65 33.64 -1.46
CA LYS C 245 31.72 32.64 -0.99
C LYS C 245 32.40 31.27 -1.04
N GLU C 246 31.71 30.27 -0.50
CA GLU C 246 32.12 28.88 -0.64
C GLU C 246 31.05 28.12 -1.42
N MET C 247 31.44 27.01 -2.02
CA MET C 247 30.47 26.13 -2.65
C MET C 247 29.55 25.58 -1.57
N PRO C 248 28.23 25.61 -1.77
CA PRO C 248 27.33 25.08 -0.73
C PRO C 248 27.60 23.60 -0.47
N PHE C 249 27.48 23.20 0.80
CA PHE C 249 27.80 21.83 1.20
C PHE C 249 26.87 20.82 0.55
N TYR C 250 25.63 21.22 0.22
CA TYR C 250 24.73 20.27 -0.44
C TYR C 250 25.17 19.97 -1.88
N GLU C 251 26.22 20.62 -2.37
CA GLU C 251 26.82 20.27 -3.65
C GLU C 251 28.08 19.45 -3.50
N ASN C 252 28.37 18.96 -2.30
CA ASN C 252 29.62 18.25 -2.06
C ASN C 252 29.68 16.94 -2.86
N PHE C 253 30.91 16.46 -3.06
CA PHE C 253 31.13 15.13 -3.62
C PHE C 253 31.28 14.12 -2.49
N TYR C 254 30.98 12.86 -2.80
CA TYR C 254 31.08 11.76 -1.85
C TYR C 254 31.77 10.58 -2.50
N ALA C 255 32.25 9.67 -1.66
CA ALA C 255 32.88 8.44 -2.12
C ALA C 255 32.71 7.34 -1.09
N GLY C 256 32.74 6.10 -1.56
CA GLY C 256 32.48 4.96 -0.71
C GLY C 256 31.11 4.37 -0.99
N GLY C 257 31.08 3.10 -1.39
CA GLY C 257 29.85 2.42 -1.70
C GLY C 257 29.99 1.48 -2.88
N SER C 258 28.90 0.83 -3.29
CA SER C 258 28.97 -0.16 -4.36
C SER C 258 29.46 0.45 -5.67
N SER C 259 29.14 1.72 -5.93
CA SER C 259 29.44 2.35 -7.20
C SER C 259 30.70 3.19 -7.19
N THR C 260 31.35 3.36 -6.04
CA THR C 260 32.55 4.19 -5.96
C THR C 260 33.72 3.36 -5.44
N VAL C 261 33.84 3.22 -4.12
CA VAL C 261 34.87 2.41 -3.50
C VAL C 261 34.18 1.31 -2.71
N ARG C 262 34.20 0.09 -3.25
CA ARG C 262 33.51 -1.02 -2.60
C ARG C 262 34.21 -1.41 -1.30
N GLY C 263 33.44 -2.00 -0.39
CA GLY C 263 33.92 -2.30 0.94
C GLY C 263 33.71 -1.20 1.95
N PHE C 264 33.37 0.02 1.50
CA PHE C 264 33.11 1.14 2.37
C PHE C 264 31.62 1.46 2.37
N GLN C 265 31.11 1.88 3.52
CA GLN C 265 29.71 2.31 3.62
C GLN C 265 29.48 3.53 2.75
N SER C 266 28.25 3.68 2.27
CA SER C 266 27.90 4.79 1.39
C SER C 266 28.36 6.12 1.95
N ASN C 267 29.12 6.84 1.15
CA ASN C 267 29.47 8.24 1.40
C ASN C 267 30.40 8.45 2.59
N THR C 268 30.99 7.37 3.11
CA THR C 268 31.78 7.49 4.32
C THR C 268 33.14 8.14 4.07
N ILE C 269 33.65 8.07 2.84
CA ILE C 269 35.02 8.51 2.59
C ILE C 269 35.10 10.03 2.61
N GLY C 270 36.09 10.56 3.31
CA GLY C 270 36.40 11.97 3.26
C GLY C 270 36.30 12.66 4.61
N PRO C 271 36.05 13.97 4.59
CA PRO C 271 35.93 14.71 5.84
C PRO C 271 34.85 14.15 6.76
N LYS C 272 35.07 14.29 8.07
CA LYS C 272 34.11 13.95 9.08
C LYS C 272 33.67 15.22 9.81
N ALA C 273 32.44 15.19 10.34
CA ALA C 273 31.90 16.36 11.01
C ALA C 273 32.63 16.62 12.33
N VAL C 274 32.81 17.90 12.63
CA VAL C 274 33.30 18.36 13.93
C VAL C 274 32.14 19.17 14.53
N TYR C 275 31.44 18.59 15.49
CA TYR C 275 30.19 19.16 15.98
C TYR C 275 30.44 20.16 17.10
N PHE C 276 29.68 21.26 17.08
CA PHE C 276 29.61 22.16 18.22
C PHE C 276 28.74 21.52 19.31
N PRO C 277 28.94 21.92 20.56
CA PRO C 277 28.11 21.37 21.64
C PRO C 277 26.70 21.94 21.65
N HIS C 278 25.75 21.09 22.04
CA HIS C 278 24.34 21.47 22.12
C HIS C 278 24.03 22.06 23.49
N GLN C 279 23.21 23.11 23.51
CA GLN C 279 22.82 23.80 24.73
C GLN C 279 21.32 24.03 24.76
N ALA C 280 20.79 24.08 25.98
CA ALA C 280 19.38 24.32 26.21
C ALA C 280 19.03 25.79 25.96
N SER C 281 17.72 26.07 25.94
CA SER C 281 17.24 27.42 25.63
C SER C 281 17.75 28.44 26.63
N ASN C 282 18.03 28.02 27.87
CA ASN C 282 18.54 28.92 28.89
C ASN C 282 19.67 29.78 28.34
N LYS C 298 35.30 26.58 23.73
CA LYS C 298 34.34 25.79 22.96
C LYS C 298 34.88 24.36 22.75
N ASP C 299 34.17 23.39 23.31
CA ASP C 299 34.57 21.99 23.24
C ASP C 299 33.88 21.31 22.07
N LEU C 300 34.62 21.06 21.00
CA LEU C 300 34.06 20.40 19.83
C LEU C 300 34.14 18.88 19.98
N SER C 301 33.46 18.18 19.08
CA SER C 301 33.35 16.73 19.17
C SER C 301 33.71 16.10 17.82
N LYS C 302 34.67 15.17 17.85
CA LYS C 302 34.94 14.35 16.69
C LYS C 302 33.75 13.42 16.42
N SER C 303 33.71 12.88 15.21
CA SER C 303 32.63 11.99 14.82
C SER C 303 33.13 11.05 13.73
N ASP C 304 32.26 10.13 13.33
CA ASP C 304 32.46 9.32 12.12
C ASP C 304 31.35 9.60 11.12
N ASP C 305 30.75 10.79 11.20
CA ASP C 305 29.69 11.21 10.28
C ASP C 305 30.32 11.96 9.12
N ALA C 306 30.13 11.43 7.91
CA ALA C 306 30.69 12.05 6.73
C ALA C 306 29.95 13.35 6.41
N VAL C 307 30.65 14.24 5.69
CA VAL C 307 30.06 15.50 5.27
C VAL C 307 30.37 15.77 3.80
N GLY C 308 31.19 14.92 3.20
CA GLY C 308 31.59 15.13 1.82
C GLY C 308 32.65 16.22 1.70
N GLY C 309 32.95 16.58 0.46
CA GLY C 309 33.94 17.61 0.21
C GLY C 309 33.75 18.23 -1.14
N ASN C 310 34.55 19.26 -1.41
CA ASN C 310 34.50 19.96 -2.69
C ASN C 310 35.45 19.35 -3.73
N ALA C 311 36.25 18.37 -3.34
CA ALA C 311 37.15 17.70 -4.28
C ALA C 311 37.10 16.20 -4.02
N MET C 312 37.26 15.43 -5.10
CA MET C 312 37.08 13.99 -5.03
C MET C 312 37.79 13.31 -6.18
N ALA C 313 38.38 12.14 -5.90
CA ALA C 313 39.06 11.35 -6.91
C ALA C 313 38.91 9.87 -6.57
N VAL C 314 38.52 9.07 -7.57
CA VAL C 314 38.26 7.65 -7.38
C VAL C 314 38.78 6.91 -8.60
N ALA C 315 39.34 5.71 -8.37
CA ALA C 315 39.85 4.88 -9.44
C ALA C 315 39.66 3.42 -9.08
N SER C 316 39.54 2.57 -10.11
CA SER C 316 39.32 1.16 -9.91
C SER C 316 39.88 0.37 -11.09
N LEU C 317 40.46 -0.79 -10.79
CA LEU C 317 40.92 -1.74 -11.79
C LEU C 317 40.22 -3.06 -11.52
N GLU C 318 39.65 -3.66 -12.56
CA GLU C 318 38.78 -4.82 -12.39
C GLU C 318 39.13 -5.87 -13.44
N PHE C 319 39.31 -7.11 -12.98
CA PHE C 319 39.65 -8.24 -13.86
C PHE C 319 38.38 -9.07 -14.01
N ILE C 320 37.77 -9.01 -15.18
CA ILE C 320 36.50 -9.69 -15.44
C ILE C 320 36.76 -11.06 -16.03
N THR C 321 36.17 -12.09 -15.41
CA THR C 321 36.39 -13.47 -15.79
C THR C 321 35.07 -14.20 -15.97
N PRO C 322 35.08 -15.36 -16.61
CA PRO C 322 33.92 -16.25 -16.55
C PRO C 322 33.71 -16.72 -15.11
N THR C 323 32.48 -17.12 -14.82
CA THR C 323 32.14 -17.47 -13.45
C THR C 323 32.68 -18.86 -13.07
N PRO C 324 33.35 -18.98 -11.93
CA PRO C 324 33.78 -20.32 -11.48
C PRO C 324 32.58 -21.19 -11.16
N PHE C 325 32.60 -22.42 -11.65
CA PHE C 325 31.63 -23.45 -11.26
C PHE C 325 30.24 -23.15 -11.80
N ILE C 326 30.17 -22.51 -12.98
CA ILE C 326 28.92 -22.32 -13.70
C ILE C 326 28.74 -23.37 -14.78
N SER C 327 29.74 -24.22 -14.99
CA SER C 327 29.68 -25.31 -15.96
C SER C 327 29.38 -24.78 -17.37
N ASP C 328 29.75 -23.54 -17.64
CA ASP C 328 29.50 -22.95 -18.97
C ASP C 328 27.99 -23.02 -19.21
N LYS C 329 27.59 -23.14 -20.49
CA LYS C 329 26.18 -23.25 -20.90
C LYS C 329 25.67 -21.81 -21.09
N TYR C 330 24.59 -21.44 -20.41
CA TYR C 330 24.10 -20.06 -20.46
C TYR C 330 24.99 -19.15 -19.61
N ALA C 331 26.31 -19.31 -19.71
CA ALA C 331 27.25 -18.58 -18.86
C ALA C 331 27.30 -17.09 -19.21
N ASN C 332 26.98 -16.72 -20.45
CA ASN C 332 27.12 -15.33 -20.88
C ASN C 332 26.26 -14.37 -20.08
N SER C 333 25.28 -14.88 -19.33
CA SER C 333 24.39 -14.03 -18.54
C SER C 333 24.88 -13.83 -17.11
N VAL C 334 26.02 -14.42 -16.75
CA VAL C 334 26.62 -14.26 -15.42
C VAL C 334 28.06 -13.84 -15.60
N ARG C 335 28.51 -12.89 -14.78
CA ARG C 335 29.85 -12.30 -14.90
C ARG C 335 30.49 -12.17 -13.54
N THR C 336 31.71 -12.70 -13.41
CA THR C 336 32.51 -12.58 -12.21
C THR C 336 33.67 -11.64 -12.44
N SER C 337 34.10 -10.96 -11.38
CA SER C 337 35.17 -9.99 -11.52
C SER C 337 35.94 -9.83 -10.22
N PHE C 338 37.21 -9.49 -10.34
CA PHE C 338 38.10 -9.19 -9.23
C PHE C 338 38.58 -7.76 -9.38
N PHE C 339 38.54 -6.99 -8.29
CA PHE C 339 38.75 -5.55 -8.39
C PHE C 339 39.64 -5.01 -7.29
N TRP C 340 40.22 -3.85 -7.59
CA TRP C 340 41.03 -3.06 -6.66
C TRP C 340 40.51 -1.63 -6.75
N ASP C 341 39.89 -1.15 -5.68
CA ASP C 341 39.25 0.16 -5.66
C ASP C 341 40.04 1.12 -4.80
N MET C 342 40.00 2.40 -5.18
CA MET C 342 40.65 3.43 -4.39
C MET C 342 39.97 4.77 -4.66
N GLY C 343 40.04 5.66 -3.66
CA GLY C 343 39.41 6.96 -3.79
C GLY C 343 39.72 7.82 -2.58
N THR C 344 39.50 9.12 -2.76
CA THR C 344 39.67 10.08 -1.68
C THR C 344 38.72 11.26 -1.90
N VAL C 345 38.37 11.92 -0.80
CA VAL C 345 37.57 13.14 -0.80
C VAL C 345 38.18 14.09 0.22
N TRP C 346 38.21 15.38 -0.09
CA TRP C 346 38.83 16.32 0.83
C TRP C 346 38.20 17.70 0.70
N ASP C 347 38.46 18.53 1.69
CA ASP C 347 37.87 19.86 1.82
C ASP C 347 38.99 20.90 1.69
N THR C 348 39.05 21.57 0.54
CA THR C 348 40.15 22.47 0.26
C THR C 348 40.19 23.67 1.20
N ASN C 349 39.06 24.05 1.78
CA ASN C 349 38.97 25.22 2.64
C ASN C 349 38.99 24.87 4.12
N TRP C 350 39.35 23.65 4.47
CA TRP C 350 39.53 23.29 5.88
C TRP C 350 40.77 23.96 6.43
N ASP C 351 40.61 24.72 7.52
CA ASP C 351 41.73 25.44 8.14
C ASP C 351 42.32 24.56 9.24
N SER C 352 43.37 23.81 8.88
CA SER C 352 43.98 22.88 9.82
C SER C 352 44.70 23.58 10.96
N SER C 353 45.14 24.83 10.75
CA SER C 353 45.80 25.56 11.83
C SER C 353 44.81 25.89 12.94
N GLN C 354 43.63 26.39 12.56
CA GLN C 354 42.62 26.77 13.54
C GLN C 354 42.07 25.59 14.30
N TYR C 355 42.24 24.37 13.79
CA TYR C 355 41.72 23.16 14.43
C TYR C 355 42.83 22.10 14.46
N SER C 356 43.91 22.40 15.19
CA SER C 356 45.07 21.52 15.21
C SER C 356 44.79 20.20 15.91
N GLY C 357 43.87 20.20 16.86
CA GLY C 357 43.53 18.96 17.54
C GLY C 357 42.80 17.95 16.68
N TYR C 358 42.44 18.31 15.46
CA TYR C 358 41.65 17.47 14.58
C TYR C 358 42.39 17.21 13.27
N PRO C 359 42.09 16.11 12.59
CA PRO C 359 42.79 15.80 11.35
C PRO C 359 42.65 16.92 10.33
N ASP C 360 43.61 16.97 9.42
CA ASP C 360 43.61 17.97 8.34
C ASP C 360 42.78 17.41 7.20
N TYR C 361 41.51 17.80 7.15
CA TYR C 361 40.59 17.32 6.12
C TYR C 361 40.82 17.98 4.76
N SER C 362 41.78 18.89 4.66
CA SER C 362 42.20 19.42 3.37
C SER C 362 43.31 18.58 2.73
N ASP C 363 43.76 17.52 3.40
CA ASP C 363 44.82 16.66 2.90
C ASP C 363 44.26 15.76 1.80
N PRO C 364 44.70 15.92 0.55
CA PRO C 364 44.21 15.06 -0.53
C PRO C 364 44.86 13.69 -0.60
N SER C 365 45.81 13.39 0.27
CA SER C 365 46.67 12.22 0.11
C SER C 365 46.23 11.02 0.94
N ASN C 366 45.08 11.10 1.60
CA ASN C 366 44.58 9.98 2.39
C ASN C 366 43.77 9.04 1.49
N ILE C 367 44.52 8.34 0.62
CA ILE C 367 43.89 7.43 -0.34
C ILE C 367 43.41 6.18 0.38
N ARG C 368 42.13 5.88 0.25
CA ARG C 368 41.55 4.65 0.75
C ARG C 368 41.54 3.61 -0.36
N MET C 369 41.75 2.34 0.00
CA MET C 369 41.79 1.27 -0.98
C MET C 369 41.04 0.05 -0.47
N SER C 370 40.56 -0.74 -1.40
CA SER C 370 39.90 -2.00 -1.07
C SER C 370 40.07 -2.96 -2.24
N ALA C 371 39.81 -4.24 -1.98
CA ALA C 371 39.91 -5.26 -3.00
C ALA C 371 38.92 -6.36 -2.66
N GLY C 372 38.44 -7.05 -3.69
CA GLY C 372 37.52 -8.15 -3.47
C GLY C 372 37.01 -8.70 -4.79
N ILE C 373 35.88 -9.39 -4.70
CA ILE C 373 35.30 -10.12 -5.81
C ILE C 373 33.84 -9.71 -5.95
N ALA C 374 33.37 -9.61 -7.19
CA ALA C 374 32.00 -9.20 -7.47
C ALA C 374 31.36 -10.22 -8.39
N LEU C 375 30.04 -10.35 -8.25
CA LEU C 375 29.25 -11.28 -9.06
C LEU C 375 28.06 -10.54 -9.66
N GLN C 376 27.91 -10.66 -10.98
CA GLN C 376 26.84 -10.01 -11.71
C GLN C 376 26.00 -11.08 -12.40
N TRP C 377 24.68 -10.98 -12.27
CA TRP C 377 23.76 -11.95 -12.84
C TRP C 377 22.64 -11.18 -13.51
N MET C 378 22.50 -11.37 -14.83
CA MET C 378 21.40 -10.81 -15.59
C MET C 378 20.22 -11.78 -15.56
N SER C 379 19.62 -11.87 -14.37
CA SER C 379 18.53 -12.80 -14.16
C SER C 379 17.29 -12.34 -14.92
N PRO C 380 16.27 -13.20 -15.02
CA PRO C 380 15.05 -12.78 -15.72
C PRO C 380 14.34 -11.61 -15.04
N LEU C 381 14.29 -11.60 -13.71
CA LEU C 381 13.60 -10.55 -12.96
C LEU C 381 14.44 -9.29 -12.78
N GLY C 382 15.49 -9.12 -13.59
CA GLY C 382 16.30 -7.93 -13.59
C GLY C 382 17.75 -8.14 -13.19
N PRO C 383 18.56 -7.10 -13.35
CA PRO C 383 19.98 -7.21 -13.02
C PRO C 383 20.24 -7.23 -11.52
N LEU C 384 21.15 -8.11 -11.11
CA LEU C 384 21.56 -8.26 -9.71
C LEU C 384 23.07 -8.21 -9.64
N VAL C 385 23.60 -7.56 -8.61
CA VAL C 385 25.04 -7.43 -8.40
C VAL C 385 25.39 -7.69 -6.95
N PHE C 386 26.37 -8.57 -6.73
CA PHE C 386 26.90 -8.89 -5.42
C PHE C 386 28.39 -8.56 -5.39
N SER C 387 28.88 -8.10 -4.25
CA SER C 387 30.30 -7.82 -4.08
C SER C 387 30.70 -8.06 -2.63
N TYR C 388 31.88 -8.63 -2.44
CA TYR C 388 32.47 -8.78 -1.11
C TYR C 388 33.87 -8.19 -1.18
N ALA C 389 34.15 -7.20 -0.35
CA ALA C 389 35.42 -6.48 -0.42
C ALA C 389 36.00 -6.27 0.96
N GLN C 390 37.33 -6.14 1.01
CA GLN C 390 38.04 -5.85 2.25
C GLN C 390 38.60 -4.44 2.19
N PRO C 391 38.12 -3.50 3.02
CA PRO C 391 38.73 -2.15 3.02
C PRO C 391 40.05 -2.14 3.79
N PHE C 392 41.12 -2.58 3.10
CA PHE C 392 42.39 -2.79 3.80
C PHE C 392 43.16 -1.50 4.05
N LYS C 393 42.83 -0.40 3.36
CA LYS C 393 43.46 0.88 3.62
C LYS C 393 42.34 1.88 3.94
N LYS C 394 42.18 2.19 5.23
CA LYS C 394 41.15 3.09 5.71
C LYS C 394 41.75 4.00 6.77
N TYR C 395 41.00 5.04 7.11
CA TYR C 395 41.47 6.07 8.03
C TYR C 395 40.45 6.29 9.14
N ASP C 396 40.85 7.09 10.12
CA ASP C 396 40.02 7.34 11.29
C ASP C 396 38.63 7.80 10.88
N GLY C 397 37.62 7.06 11.33
CA GLY C 397 36.24 7.40 11.10
C GLY C 397 35.60 6.66 9.95
N ASP C 398 36.39 6.07 9.05
CA ASP C 398 35.81 5.34 7.93
C ASP C 398 35.07 4.11 8.44
N LYS C 399 33.90 3.86 7.86
CA LYS C 399 33.05 2.74 8.25
C LYS C 399 33.00 1.72 7.12
N ALA C 400 33.17 0.44 7.47
CA ALA C 400 33.26 -0.62 6.49
C ALA C 400 31.89 -1.24 6.23
N GLU C 401 31.74 -1.78 5.01
CA GLU C 401 30.54 -2.51 4.59
C GLU C 401 31.03 -3.52 3.54
N GLN C 402 31.52 -4.66 4.03
CA GLN C 402 32.23 -5.62 3.18
C GLN C 402 31.29 -6.25 2.16
N PHE C 403 30.07 -6.58 2.57
CA PHE C 403 29.09 -7.21 1.68
C PHE C 403 28.12 -6.15 1.21
N GLN C 404 28.06 -5.95 -0.11
CA GLN C 404 27.21 -4.95 -0.74
C GLN C 404 26.52 -5.57 -1.94
N PHE C 405 25.28 -5.16 -2.19
CA PHE C 405 24.50 -5.74 -3.27
C PHE C 405 23.42 -4.78 -3.75
N ASN C 406 23.02 -4.96 -5.00
CA ASN C 406 21.98 -4.18 -5.64
C ASN C 406 21.13 -5.10 -6.49
N ILE C 407 19.80 -4.93 -6.40
CA ILE C 407 18.85 -5.72 -7.16
C ILE C 407 17.93 -4.75 -7.88
N GLY C 408 17.80 -4.92 -9.20
CA GLY C 408 16.96 -4.05 -9.98
C GLY C 408 17.56 -2.66 -10.11
N LYS C 409 17.02 -1.84 -11.00
CA LYS C 409 17.51 -0.48 -11.16
C LYS C 409 17.50 0.25 -9.82
N THR C 410 18.66 0.71 -9.40
CA THR C 410 18.83 1.42 -8.13
C THR C 410 19.66 2.67 -8.33
N TRP C 411 19.30 3.72 -7.59
CA TRP C 411 19.99 5.01 -7.64
C TRP C 411 20.20 5.57 -6.24
N GLY D 3 6.26 -4.67 19.69
CA GLY D 3 7.69 -4.46 19.78
C GLY D 3 8.06 -2.99 19.78
N GLN D 4 7.73 -2.30 20.85
CA GLN D 4 7.97 -0.87 20.99
C GLN D 4 9.03 -0.63 22.07
N LEU D 5 9.70 0.52 21.95
CA LEU D 5 10.69 0.92 22.94
C LEU D 5 10.04 1.10 24.30
N VAL D 6 10.69 0.55 25.34
CA VAL D 6 10.18 0.61 26.69
C VAL D 6 11.31 1.04 27.63
N GLU D 7 11.07 2.09 28.41
CA GLU D 7 12.02 2.55 29.39
C GLU D 7 11.74 1.92 30.75
N SER D 8 12.76 1.91 31.59
CA SER D 8 12.63 1.45 32.97
C SER D 8 13.82 1.97 33.76
N GLY D 9 13.70 1.92 35.07
CA GLY D 9 14.75 2.35 35.96
C GLY D 9 14.54 3.71 36.59
N GLY D 10 13.42 4.37 36.32
CA GLY D 10 13.14 5.66 36.89
C GLY D 10 12.67 5.58 38.32
N GLY D 11 12.38 6.74 38.89
CA GLY D 11 11.88 6.82 40.24
C GLY D 11 12.30 8.13 40.88
N MET D 12 12.41 8.10 42.21
CA MET D 12 12.77 9.27 43.00
C MET D 12 14.08 8.97 43.71
N VAL D 13 14.99 9.94 43.68
CA VAL D 13 16.32 9.77 44.28
C VAL D 13 16.78 11.11 44.87
N GLN D 14 17.52 11.02 45.96
CA GLN D 14 18.04 12.23 46.59
C GLN D 14 19.19 12.80 45.74
N ALA D 15 19.33 14.13 45.81
CA ALA D 15 20.40 14.79 45.08
C ALA D 15 21.74 14.13 45.38
N GLY D 16 22.59 14.06 44.35
CA GLY D 16 23.87 13.43 44.46
C GLY D 16 23.90 11.95 44.13
N GLY D 17 22.75 11.29 44.19
CA GLY D 17 22.67 9.86 43.97
C GLY D 17 22.81 9.52 42.50
N SER D 18 22.51 8.25 42.20
CA SER D 18 22.66 7.71 40.86
C SER D 18 21.44 6.89 40.48
N LEU D 19 21.14 6.91 39.18
CA LEU D 19 20.10 6.07 38.59
C LEU D 19 20.65 5.48 37.30
N ARG D 20 19.98 4.44 36.82
CA ARG D 20 20.34 3.81 35.55
C ARG D 20 19.05 3.53 34.79
N LEU D 21 18.78 4.33 33.76
CA LEU D 21 17.65 4.08 32.90
C LEU D 21 18.06 3.06 31.84
N SER D 22 17.13 2.18 31.47
CA SER D 22 17.39 1.14 30.50
C SER D 22 16.24 1.14 29.50
N CYS D 23 16.56 0.87 28.23
CA CYS D 23 15.58 0.86 27.16
C CYS D 23 15.79 -0.38 26.32
N ALA D 24 14.70 -1.09 26.04
CA ALA D 24 14.80 -2.34 25.30
C ALA D 24 13.63 -2.48 24.34
N ALA D 25 13.79 -3.40 23.40
CA ALA D 25 12.78 -3.78 22.41
C ALA D 25 12.55 -5.27 22.50
N SER D 26 11.29 -5.68 22.37
CA SER D 26 10.91 -7.07 22.63
C SER D 26 11.79 -8.05 21.88
N GLY D 27 11.91 -7.90 20.57
CA GLY D 27 12.69 -8.82 19.77
C GLY D 27 13.68 -8.15 18.86
N ARG D 28 13.94 -6.87 19.09
CA ARG D 28 14.77 -6.06 18.22
C ARG D 28 16.09 -5.72 18.89
N THR D 29 17.05 -5.32 18.06
CA THR D 29 18.37 -4.95 18.52
C THR D 29 18.75 -3.57 17.98
N PHE D 30 19.77 -2.97 18.60
CA PHE D 30 20.23 -1.64 18.22
C PHE D 30 21.38 -1.64 17.23
N ASN D 31 21.57 -2.73 16.48
CA ASN D 31 22.75 -2.84 15.62
C ASN D 31 22.79 -1.71 14.60
N GLY D 32 21.74 -1.56 13.81
CA GLY D 32 21.74 -0.58 12.76
C GLY D 32 20.98 0.70 13.08
N TRP D 33 20.93 1.06 14.36
CA TRP D 33 20.13 2.17 14.82
C TRP D 33 20.96 3.20 15.58
N THR D 34 20.67 4.47 15.32
CA THR D 34 21.10 5.55 16.19
C THR D 34 20.10 5.66 17.35
N ALA D 35 20.62 5.80 18.56
CA ALA D 35 19.80 5.83 19.76
C ALA D 35 20.10 7.08 20.56
N ALA D 36 19.10 7.57 21.28
CA ALA D 36 19.24 8.82 22.01
C ALA D 36 18.31 8.82 23.21
N TRP D 37 18.64 9.65 24.18
CA TRP D 37 17.78 9.90 25.33
C TRP D 37 17.34 11.36 25.30
N PHE D 38 16.04 11.59 25.46
CA PHE D 38 15.49 12.92 25.64
C PHE D 38 14.81 13.00 27.02
N ARG D 39 14.52 14.23 27.43
CA ARG D 39 13.80 14.46 28.67
C ARG D 39 12.92 15.68 28.51
N GLN D 40 11.80 15.68 29.24
CA GLN D 40 10.81 16.75 29.18
C GLN D 40 10.54 17.19 30.62
N ALA D 41 11.27 18.20 31.09
CA ALA D 41 10.98 18.79 32.38
C ALA D 41 9.57 19.37 32.36
N PRO D 42 8.88 19.37 33.50
CA PRO D 42 7.47 19.80 33.49
C PRO D 42 7.33 21.22 32.98
N GLY D 43 6.36 21.43 32.09
CA GLY D 43 6.15 22.72 31.49
C GLY D 43 7.06 23.04 30.31
N LYS D 44 8.12 22.28 30.10
CA LYS D 44 9.09 22.57 29.06
C LYS D 44 8.88 21.62 27.88
N ASP D 45 9.70 21.79 26.86
CA ASP D 45 9.63 20.93 25.68
C ASP D 45 10.58 19.74 25.82
N ARG D 46 10.37 18.73 24.98
CA ARG D 46 11.32 17.64 24.89
C ARG D 46 12.69 18.20 24.48
N GLU D 47 13.71 17.91 25.26
CA GLU D 47 15.04 18.44 25.02
C GLU D 47 16.06 17.30 24.96
N PHE D 48 17.06 17.47 24.11
CA PHE D 48 18.09 16.45 23.92
C PHE D 48 18.91 16.26 25.19
N VAL D 49 19.18 14.99 25.51
CA VAL D 49 20.06 14.63 26.63
C VAL D 49 21.36 14.01 26.13
N ALA D 50 21.26 12.94 25.34
CA ALA D 50 22.45 12.21 24.93
C ALA D 50 22.11 11.31 23.75
N ALA D 51 23.16 10.91 23.03
CA ALA D 51 23.00 10.05 21.86
C ALA D 51 24.27 9.23 21.64
N ILE D 52 24.09 8.08 20.99
CA ILE D 52 25.18 7.20 20.62
C ILE D 52 25.01 6.80 19.16
N SER D 53 26.12 6.82 18.41
CA SER D 53 26.08 6.62 16.97
C SER D 53 25.76 5.17 16.64
N ARG D 54 25.40 4.94 15.36
CA ARG D 54 25.15 3.59 14.89
C ARG D 54 26.32 2.68 15.18
N SER D 55 27.54 3.15 14.86
CA SER D 55 28.74 2.36 15.11
C SER D 55 28.94 2.09 16.60
N GLY D 56 28.47 3.00 17.46
CA GLY D 56 28.72 2.88 18.88
C GLY D 56 30.02 3.47 19.35
N ASP D 57 30.81 4.07 18.46
CA ASP D 57 32.13 4.57 18.80
C ASP D 57 32.12 6.02 19.26
N TYR D 58 30.99 6.70 19.15
CA TYR D 58 30.91 8.13 19.48
C TYR D 58 29.66 8.40 20.29
N THR D 59 29.79 9.26 21.30
CA THR D 59 28.69 9.66 22.15
C THR D 59 28.64 11.19 22.20
N TYR D 60 27.44 11.74 22.28
CA TYR D 60 27.22 13.17 22.32
C TYR D 60 26.21 13.51 23.41
N TYR D 61 26.53 14.55 24.18
CA TYR D 61 25.72 14.94 25.32
C TYR D 61 25.40 16.43 25.27
N THR D 62 24.28 16.79 25.89
CA THR D 62 23.97 18.20 26.12
C THR D 62 24.88 18.72 27.23
N ASN D 63 25.17 20.02 27.17
CA ASN D 63 26.19 20.58 28.08
C ASN D 63 25.81 20.38 29.54
N SER D 64 24.51 20.44 29.87
CA SER D 64 24.10 20.41 31.27
C SER D 64 24.43 19.07 31.92
N VAL D 65 24.53 17.98 31.14
CA VAL D 65 24.79 16.66 31.68
C VAL D 65 26.18 16.14 31.33
N LYS D 66 26.95 16.88 30.54
CA LYS D 66 28.27 16.39 30.15
C LYS D 66 29.13 16.12 31.39
N GLY D 67 29.75 14.95 31.43
CA GLY D 67 30.56 14.55 32.55
C GLY D 67 29.81 13.88 33.67
N ARG D 68 28.49 13.94 33.68
CA ARG D 68 27.67 13.31 34.71
C ARG D 68 26.85 12.15 34.20
N PHE D 69 26.39 12.20 32.95
CA PHE D 69 25.61 11.12 32.36
C PHE D 69 26.49 10.33 31.41
N THR D 70 26.16 9.05 31.23
CA THR D 70 26.87 8.19 30.31
C THR D 70 25.85 7.31 29.60
N ILE D 71 25.82 7.40 28.27
CA ILE D 71 24.98 6.56 27.43
C ILE D 71 25.82 5.40 26.92
N SER D 72 25.22 4.21 26.83
CA SER D 72 25.98 3.04 26.43
C SER D 72 25.03 1.95 25.94
N ARG D 73 25.62 0.92 25.35
CA ARG D 73 24.90 -0.28 24.93
C ARG D 73 25.64 -1.49 25.49
N ASP D 74 24.89 -2.57 25.73
CA ASP D 74 25.54 -3.81 26.14
C ASP D 74 26.13 -4.50 24.92
N SER D 75 27.06 -5.43 25.19
CA SER D 75 27.78 -6.10 24.10
C SER D 75 26.81 -6.61 23.03
N ALA D 76 25.78 -7.35 23.45
CA ALA D 76 24.81 -7.86 22.49
C ALA D 76 23.93 -6.77 21.90
N LYS D 77 23.93 -5.57 22.48
CA LYS D 77 23.15 -4.45 21.96
C LYS D 77 21.66 -4.73 22.01
N ASN D 78 21.23 -5.50 23.01
CA ASN D 78 19.83 -5.69 23.28
C ASN D 78 19.24 -4.55 24.09
N ASN D 79 20.08 -3.80 24.82
CA ASN D 79 19.62 -2.79 25.75
C ASN D 79 20.37 -1.49 25.55
N LEU D 80 19.67 -0.39 25.79
CA LEU D 80 20.24 0.95 25.79
C LEU D 80 20.18 1.48 27.21
N TYR D 81 21.29 2.05 27.67
CA TYR D 81 21.40 2.51 29.05
C TYR D 81 21.69 4.00 29.11
N LEU D 82 21.25 4.62 30.21
CA LEU D 82 21.66 5.98 30.58
C LEU D 82 22.08 5.93 32.05
N GLN D 83 23.39 5.97 32.29
CA GLN D 83 23.91 6.05 33.64
C GLN D 83 23.87 7.51 34.09
N MET D 84 23.05 7.80 35.09
CA MET D 84 22.84 9.17 35.56
C MET D 84 23.49 9.31 36.93
N ASP D 85 24.68 9.89 36.96
CA ASP D 85 25.41 10.12 38.20
C ASP D 85 25.34 11.60 38.60
N SER D 86 25.59 11.83 39.89
CA SER D 86 25.60 13.19 40.45
C SER D 86 24.35 13.97 40.07
N LEU D 87 23.20 13.43 40.43
CA LEU D 87 21.94 14.02 40.01
C LEU D 87 21.69 15.35 40.71
N LYS D 88 21.10 16.28 39.97
CA LYS D 88 20.73 17.59 40.48
C LYS D 88 19.23 17.80 40.27
N PRO D 89 18.64 18.77 40.95
CA PRO D 89 17.19 19.02 40.75
C PRO D 89 16.81 19.32 39.31
N GLU D 90 17.66 19.99 38.53
CA GLU D 90 17.24 20.33 37.18
C GLU D 90 17.05 19.09 36.32
N ASP D 91 17.61 17.94 36.74
CA ASP D 91 17.43 16.69 36.03
C ASP D 91 16.04 16.10 36.21
N THR D 92 15.18 16.70 37.03
CA THR D 92 13.82 16.19 37.21
C THR D 92 13.06 16.37 35.90
N ALA D 93 12.53 15.27 35.37
CA ALA D 93 11.85 15.31 34.08
C ALA D 93 11.29 13.92 33.78
N VAL D 94 10.51 13.85 32.72
CA VAL D 94 10.14 12.57 32.13
C VAL D 94 11.16 12.24 31.04
N TYR D 95 11.84 11.11 31.18
CA TYR D 95 12.92 10.74 30.28
C TYR D 95 12.40 9.78 29.21
N TYR D 96 12.74 10.06 27.96
CA TYR D 96 12.26 9.31 26.81
C TYR D 96 13.41 8.66 26.07
N CYS D 97 13.18 7.44 25.60
CA CYS D 97 14.10 6.69 24.77
C CYS D 97 13.68 6.86 23.32
N ALA D 98 14.66 7.08 22.45
CA ALA D 98 14.35 7.31 21.03
C ALA D 98 15.37 6.62 20.14
N ALA D 99 14.91 6.23 18.96
CA ALA D 99 15.73 5.53 17.98
C ALA D 99 15.40 6.01 16.58
N LYS D 100 16.38 5.94 15.69
CA LYS D 100 16.21 6.38 14.32
C LYS D 100 17.26 5.70 13.46
N THR D 101 16.92 5.48 12.20
CA THR D 101 17.89 5.03 11.20
C THR D 101 18.58 6.27 10.63
N GLY D 102 19.90 6.24 10.59
CA GLY D 102 20.66 7.35 10.06
C GLY D 102 21.38 8.13 11.15
N THR D 103 22.02 9.23 10.73
CA THR D 103 22.86 10.00 11.62
C THR D 103 22.03 10.63 12.75
N TRP D 104 22.73 10.96 13.84
CA TRP D 104 22.10 11.46 15.04
C TRP D 104 21.68 12.92 14.86
N ALA D 105 20.70 13.34 15.67
CA ALA D 105 20.24 14.71 15.69
C ALA D 105 19.87 15.07 17.13
N THR D 106 19.63 16.36 17.35
CA THR D 106 19.26 16.86 18.67
C THR D 106 17.82 17.33 18.74
N MET D 107 17.07 17.25 17.65
CA MET D 107 15.67 17.67 17.63
C MET D 107 14.78 16.44 17.70
N ASP D 108 13.75 16.51 18.55
CA ASP D 108 12.90 15.35 18.76
C ASP D 108 12.22 14.91 17.48
N ARG D 109 11.82 15.86 16.63
CA ARG D 109 11.09 15.48 15.44
C ARG D 109 11.95 14.76 14.41
N ARG D 110 13.26 14.75 14.57
CA ARG D 110 14.13 13.99 13.69
C ARG D 110 14.21 12.52 14.06
N TYR D 111 13.76 12.13 15.26
CA TYR D 111 13.74 10.73 15.65
C TYR D 111 12.36 10.15 15.37
N ASP D 112 12.33 8.88 14.96
CA ASP D 112 11.12 8.25 14.45
C ASP D 112 10.37 7.43 15.48
N TYR D 113 11.08 6.75 16.38
CA TYR D 113 10.47 5.79 17.29
C TYR D 113 10.77 6.18 18.73
N TRP D 114 9.78 6.01 19.59
CA TRP D 114 9.86 6.53 20.94
C TRP D 114 9.33 5.53 21.95
N GLY D 115 9.84 5.65 23.19
CA GLY D 115 9.27 4.95 24.31
C GLY D 115 8.14 5.75 24.94
N GLN D 116 7.58 5.20 26.02
CA GLN D 116 6.46 5.83 26.70
C GLN D 116 6.90 6.84 27.75
N GLY D 117 8.16 6.81 28.16
CA GLY D 117 8.66 7.75 29.14
C GLY D 117 8.63 7.16 30.54
N THR D 118 9.61 7.57 31.35
CA THR D 118 9.69 7.17 32.75
C THR D 118 10.07 8.40 33.57
N ARG D 119 9.40 8.57 34.71
CA ARG D 119 9.57 9.76 35.52
C ARG D 119 10.80 9.65 36.38
N VAL D 120 11.57 10.74 36.43
CA VAL D 120 12.75 10.83 37.28
C VAL D 120 12.63 12.09 38.13
N THR D 121 12.65 11.92 39.44
CA THR D 121 12.56 13.02 40.40
C THR D 121 13.78 13.02 41.29
N VAL D 122 14.43 14.18 41.40
CA VAL D 122 15.61 14.35 42.26
C VAL D 122 15.15 15.17 43.46
N SER D 123 15.29 14.60 44.65
CA SER D 123 14.75 15.16 45.87
C SER D 123 15.82 15.84 46.70
N ALA D 124 15.38 16.79 47.52
CA ALA D 124 16.26 17.50 48.44
C ALA D 124 16.96 16.52 49.37
#